data_5BPW
#
_entry.id   5BPW
#
_cell.length_a   139.181
_cell.length_b   139.181
_cell.length_c   156.106
_cell.angle_alpha   90.000
_cell.angle_beta   90.000
_cell.angle_gamma   90.000
#
_symmetry.space_group_name_H-M   'P 4 21 2'
#
_entity_poly.entity_id   1
_entity_poly.type   'polypeptide(L)'
_entity_poly.pdbx_seq_one_letter_code
;MLRFPTCFPSFRVVGEKQLPQEIIFLVWSPKRDLIALANTAGEVLLHRLASFHRVWSFPPNENTGKEVTCLAWRPDGKLL
AFALADTKKIVLCDVEKPESLHSFSVEAPVSCMHWMEVTVESSVLTSFYNAEDESNLLLPKLPTLPKNYSNTSKIFSEEN
SDEIIKLLGDVRLNILVLGGSSGFIELYAYGMFKIARVTGIAGTCLALCLSSDLKSLSVVTEVSTNGASEVSYFQLETNL
LYSFLPEVTRMARKFTHISALLQYINLSLTCMCEAWEEILMQMDSRLTKFVQEKNTTTSVQDEFMHLLLWGKASAELQTL
LMNQLTVKGLKKLGQSIESSYSSIQKLVISHLQSGSESLLYHLSELKGMASWKQKYEPLGLDAAGIEEAITAVGSFILKA
NELLQVIDSSMKNFKAFFRWLYVAMLRMTEDHVLPELNKMTQKDITFVAEFLTEHFNEAPDLYNRKGKYFNVERVGQYLK
DEDDDLVSPPNTEGNQWYDFLQNSSHLKESPLLFPYYPRKSLHFVKRRMENIIDQCLQKPADVIGKSMNQAICIPLYRDT
RSEDSTRRLFKFPFLWNNKTSNLHYLLFTILEDSLYKMCILRRHTDISQSVSNGLIAIKFGSFTYATTEKVRRSIYSCLD
AQFYDDETVTVVLKDTVGREGRDRLLVQLPLSLVYNSEDSAEYQFTGTYSTRLDEQCSAIPTRTMHFEKHWRLLESMKAQ
YVAGNGFRKVSCVLSSNLRHVRVFEMDIDDEWELDESSDEEEEASNKPVKIKEEVLSESEAENQQAGAAALAPEIVIKVE
KLDPELDSENLYFQSWSHPQFEKGGGSGGGSGGGSWSHPQFEK
;
_entity_poly.pdbx_strand_id   A
#
# COMPACT_ATOMS: atom_id res chain seq x y z
N THR A 6 27.17 -3.31 -42.31
CA THR A 6 27.47 -2.70 -41.01
C THR A 6 26.36 -2.93 -39.97
N CYS A 7 26.76 -3.33 -38.77
CA CYS A 7 25.82 -3.88 -37.82
C CYS A 7 25.69 -3.17 -36.47
N PHE A 8 24.45 -2.95 -36.06
CA PHE A 8 24.17 -2.34 -34.76
C PHE A 8 23.43 -3.32 -33.82
N PRO A 9 24.01 -3.64 -32.64
CA PRO A 9 23.30 -4.52 -31.70
C PRO A 9 21.98 -3.89 -31.24
N SER A 10 20.96 -4.68 -30.88
CA SER A 10 19.59 -4.22 -31.06
C SER A 10 18.97 -3.29 -30.01
N PHE A 11 19.69 -2.93 -28.95
CA PHE A 11 19.06 -1.95 -28.06
C PHE A 11 19.96 -0.73 -27.86
N ARG A 12 19.37 0.39 -27.44
CA ARG A 12 20.20 1.58 -27.27
C ARG A 12 20.28 2.00 -25.80
N VAL A 13 21.47 2.32 -25.30
CA VAL A 13 21.63 2.62 -23.87
C VAL A 13 21.50 4.11 -23.53
N VAL A 14 20.41 4.48 -22.87
CA VAL A 14 20.13 5.86 -22.45
C VAL A 14 20.75 6.25 -21.09
N GLY A 15 21.16 5.27 -20.28
CA GLY A 15 21.88 5.61 -19.05
C GLY A 15 22.51 4.49 -18.26
N GLU A 16 23.58 4.83 -17.53
CA GLU A 16 24.37 3.88 -16.75
C GLU A 16 24.93 4.52 -15.48
N LYS A 17 24.74 3.87 -14.33
CA LYS A 17 25.27 4.40 -13.07
C LYS A 17 25.83 3.28 -12.20
N GLN A 18 26.75 3.61 -11.30
CA GLN A 18 27.13 2.66 -10.28
C GLN A 18 26.67 3.21 -8.95
N LEU A 19 25.60 2.61 -8.43
CA LEU A 19 24.89 3.09 -7.26
C LEU A 19 25.68 2.81 -5.98
N PRO A 20 25.60 3.74 -5.02
CA PRO A 20 26.39 3.65 -3.78
C PRO A 20 25.92 2.55 -2.82
N GLN A 21 24.66 2.14 -2.90
CA GLN A 21 24.12 1.08 -2.04
C GLN A 21 23.54 -0.02 -2.89
N GLU A 22 23.65 -1.26 -2.43
CA GLU A 22 23.07 -2.40 -3.13
C GLU A 22 21.58 -2.20 -3.35
N ILE A 23 21.07 -2.60 -4.52
CA ILE A 23 19.64 -2.46 -4.77
C ILE A 23 18.92 -3.74 -4.38
N ILE A 24 18.11 -3.64 -3.34
CA ILE A 24 17.40 -4.78 -2.80
C ILE A 24 16.09 -5.10 -3.56
N PHE A 25 15.46 -4.10 -4.18
CA PHE A 25 14.28 -4.36 -5.00
C PHE A 25 14.14 -3.29 -6.06
N LEU A 26 13.60 -3.63 -7.24
CA LEU A 26 13.29 -2.57 -8.20
C LEU A 26 12.14 -2.87 -9.18
N VAL A 27 11.37 -1.81 -9.49
CA VAL A 27 10.18 -1.86 -10.33
C VAL A 27 10.00 -0.56 -11.12
N TRP A 28 9.68 -0.70 -12.41
CA TRP A 28 9.35 0.44 -13.28
C TRP A 28 7.98 1.03 -13.00
N SER A 29 7.78 2.31 -13.29
CA SER A 29 6.41 2.84 -13.29
C SER A 29 5.63 2.20 -14.43
N PRO A 30 4.31 2.04 -14.25
CA PRO A 30 3.40 1.55 -15.28
C PRO A 30 3.19 2.48 -16.46
N LYS A 31 3.05 3.78 -16.21
CA LYS A 31 2.82 4.74 -17.28
C LYS A 31 3.93 5.75 -17.65
N ARG A 32 5.04 5.75 -16.94
CA ARG A 32 6.00 6.84 -17.09
C ARG A 32 7.44 6.32 -17.10
N ASP A 33 8.36 7.23 -17.45
CA ASP A 33 9.79 6.94 -17.63
C ASP A 33 10.52 6.91 -16.28
N LEU A 34 9.77 6.88 -15.19
CA LEU A 34 10.32 6.75 -13.84
C LEU A 34 10.49 5.29 -13.38
N ILE A 35 11.55 5.01 -12.62
CA ILE A 35 11.76 3.71 -11.98
C ILE A 35 11.94 3.84 -10.45
N ALA A 36 11.47 2.85 -9.71
CA ALA A 36 11.54 2.88 -8.26
C ALA A 36 12.43 1.78 -7.73
N LEU A 37 13.22 2.07 -6.71
CA LEU A 37 14.17 1.10 -6.16
C LEU A 37 14.19 1.24 -4.69
N ALA A 38 14.41 0.14 -3.97
CA ALA A 38 14.72 0.26 -2.56
C ALA A 38 16.09 -0.34 -2.41
N ASN A 39 16.94 0.34 -1.66
CA ASN A 39 18.29 -0.17 -1.42
C ASN A 39 18.38 -0.78 -0.02
N THR A 40 19.58 -1.17 0.37
CA THR A 40 19.82 -1.81 1.66
C THR A 40 20.11 -0.78 2.75
N ALA A 41 19.92 0.50 2.43
CA ALA A 41 19.93 1.50 3.48
C ALA A 41 18.49 1.72 3.90
N GLY A 42 17.59 0.94 3.30
CA GLY A 42 16.17 1.08 3.52
C GLY A 42 15.65 2.44 3.08
N GLU A 43 16.23 2.99 2.00
CA GLU A 43 15.65 4.20 1.41
C GLU A 43 15.06 3.89 0.03
N VAL A 44 14.03 4.63 -0.33
CA VAL A 44 13.35 4.36 -1.58
C VAL A 44 13.69 5.44 -2.61
N LEU A 45 14.38 5.02 -3.64
CA LEU A 45 14.90 5.91 -4.65
C LEU A 45 13.98 5.91 -5.86
N LEU A 46 13.75 7.09 -6.43
CA LEU A 46 13.02 7.18 -7.69
C LEU A 46 13.92 7.88 -8.69
N HIS A 47 14.04 7.28 -9.88
CA HIS A 47 14.97 7.71 -10.92
C HIS A 47 14.33 7.92 -12.29
N ARG A 48 14.80 8.92 -13.03
CA ARG A 48 14.39 9.15 -14.42
C ARG A 48 15.16 8.23 -15.36
N LEU A 49 14.57 7.97 -16.53
CA LEU A 49 15.22 7.14 -17.55
C LEU A 49 16.50 7.75 -18.05
N ALA A 50 16.39 9.00 -18.50
CA ALA A 50 17.50 9.66 -19.13
C ALA A 50 18.67 9.74 -18.16
N SER A 51 19.79 9.14 -18.57
CA SER A 51 21.05 9.01 -17.81
C SER A 51 20.84 8.58 -16.35
N PHE A 52 19.80 7.75 -16.12
CA PHE A 52 19.42 7.19 -14.82
C PHE A 52 19.59 8.24 -13.76
N HIS A 53 18.85 9.33 -13.91
CA HIS A 53 18.99 10.47 -13.04
C HIS A 53 18.11 10.25 -11.81
N ARG A 54 18.62 10.50 -10.61
CA ARG A 54 17.82 10.29 -9.40
C ARG A 54 16.78 11.40 -9.31
N VAL A 55 15.50 11.04 -9.31
CA VAL A 55 14.47 12.06 -9.17
C VAL A 55 14.32 12.44 -7.71
N TRP A 56 14.21 11.45 -6.83
CA TRP A 56 14.32 11.74 -5.38
C TRP A 56 14.70 10.55 -4.50
N SER A 57 15.14 10.85 -3.29
CA SER A 57 15.38 9.83 -2.30
C SER A 57 14.37 9.96 -1.16
N PHE A 58 13.86 8.83 -0.70
CA PHE A 58 12.97 8.78 0.45
C PHE A 58 13.70 7.97 1.52
N PRO A 59 14.50 8.65 2.35
CA PRO A 59 15.23 7.97 3.42
C PRO A 59 14.28 7.61 4.54
N PRO A 60 14.70 6.69 5.43
CA PRO A 60 13.84 6.32 6.56
C PRO A 60 13.74 7.43 7.61
N ASN A 61 12.87 7.20 8.59
CA ASN A 61 12.68 8.05 9.77
C ASN A 61 11.80 7.29 10.77
N GLU A 62 11.31 8.00 11.78
CA GLU A 62 10.41 7.45 12.80
C GLU A 62 9.12 6.78 12.29
N ASN A 63 8.47 7.37 11.28
CA ASN A 63 7.22 6.83 10.73
C ASN A 63 7.39 5.86 9.55
N THR A 64 8.59 5.81 8.96
CA THR A 64 8.94 4.79 7.99
C THR A 64 9.47 3.63 8.83
N GLY A 65 10.05 2.62 8.19
CA GLY A 65 10.89 1.67 8.89
C GLY A 65 12.30 1.98 8.46
N LYS A 66 13.28 1.25 8.96
CA LYS A 66 14.61 1.34 8.36
C LYS A 66 14.88 0.15 7.43
N GLU A 67 13.94 -0.80 7.36
CA GLU A 67 14.09 -1.93 6.45
C GLU A 67 12.87 -2.18 5.60
N VAL A 68 13.01 -1.94 4.30
CA VAL A 68 11.92 -2.10 3.35
C VAL A 68 12.11 -3.39 2.57
N THR A 69 11.01 -4.11 2.37
CA THR A 69 11.01 -5.32 1.56
C THR A 69 10.48 -5.12 0.12
N CYS A 70 9.24 -4.65 -0.06
CA CYS A 70 8.64 -4.60 -1.41
C CYS A 70 8.24 -3.19 -1.85
N LEU A 71 7.94 -3.06 -3.12
CA LEU A 71 7.43 -1.83 -3.72
C LEU A 71 6.31 -2.25 -4.66
N ALA A 72 5.27 -1.43 -4.73
CA ALA A 72 4.22 -1.67 -5.69
C ALA A 72 3.65 -0.38 -6.22
N TRP A 73 3.65 -0.19 -7.53
CA TRP A 73 2.99 1.01 -8.06
C TRP A 73 1.51 0.70 -8.11
N ARG A 74 0.69 1.73 -7.98
CA ARG A 74 -0.71 1.68 -8.40
C ARG A 74 -0.74 1.59 -9.92
N PRO A 75 -1.79 1.02 -10.51
CA PRO A 75 -1.90 1.05 -11.97
C PRO A 75 -1.88 2.45 -12.63
N ASP A 76 -2.27 3.48 -11.88
CA ASP A 76 -2.06 4.87 -12.27
C ASP A 76 -0.62 5.15 -12.60
N GLY A 77 0.24 4.62 -11.72
CA GLY A 77 1.58 5.12 -11.55
C GLY A 77 1.60 6.41 -10.75
N LYS A 78 0.44 6.86 -10.25
CA LYS A 78 0.35 8.14 -9.54
C LYS A 78 0.68 7.96 -8.08
N LEU A 79 0.72 6.69 -7.68
CA LEU A 79 0.94 6.35 -6.29
C LEU A 79 1.85 5.16 -6.20
N LEU A 80 2.85 5.26 -5.35
CA LEU A 80 3.73 4.14 -5.09
C LEU A 80 3.46 3.67 -3.67
N ALA A 81 3.64 2.38 -3.42
CA ALA A 81 3.44 1.84 -2.09
C ALA A 81 4.68 1.08 -1.69
N PHE A 82 5.10 1.15 -0.44
CA PHE A 82 6.13 0.23 0.01
C PHE A 82 5.90 -0.34 1.42
N ALA A 83 6.66 -1.36 1.76
CA ALA A 83 6.42 -2.18 2.94
C ALA A 83 7.54 -2.06 3.94
N LEU A 84 7.22 -1.83 5.21
CA LEU A 84 8.25 -1.83 6.23
C LEU A 84 8.16 -3.11 7.04
N ALA A 85 9.24 -3.88 7.02
CA ALA A 85 9.26 -5.15 7.70
C ALA A 85 9.60 -5.01 9.18
N ASP A 86 10.46 -4.05 9.52
CA ASP A 86 10.89 -3.96 10.91
C ASP A 86 9.82 -3.30 11.78
N THR A 87 9.25 -2.20 11.28
CA THR A 87 8.22 -1.47 12.00
C THR A 87 6.82 -1.97 11.58
N LYS A 88 6.82 -3.05 10.81
CA LYS A 88 5.62 -3.79 10.38
C LYS A 88 4.51 -2.90 9.85
N LYS A 89 4.85 -1.80 9.17
CA LYS A 89 3.83 -0.93 8.58
C LYS A 89 4.00 -0.79 7.08
N ILE A 90 3.16 0.05 6.49
CA ILE A 90 3.09 0.18 5.03
C ILE A 90 2.79 1.60 4.60
N VAL A 91 3.55 2.10 3.63
CA VAL A 91 3.41 3.49 3.18
C VAL A 91 2.82 3.57 1.80
N LEU A 92 1.97 4.58 1.60
CA LEU A 92 1.52 5.03 0.30
C LEU A 92 2.15 6.36 0.02
N CYS A 93 3.11 6.35 -0.89
CA CYS A 93 3.87 7.51 -1.37
C CYS A 93 3.23 8.20 -2.57
N ASP A 94 3.09 9.53 -2.52
CA ASP A 94 2.77 10.30 -3.71
C ASP A 94 3.96 10.13 -4.61
N VAL A 95 3.77 10.27 -5.91
CA VAL A 95 4.90 10.20 -6.81
C VAL A 95 5.72 11.48 -6.80
N GLU A 96 5.06 12.63 -6.95
CA GLU A 96 5.76 13.88 -7.18
C GLU A 96 6.60 14.36 -5.99
N LYS A 97 6.42 13.77 -4.80
CA LYS A 97 7.30 14.09 -3.67
C LYS A 97 7.51 12.91 -2.73
N PRO A 98 8.71 12.80 -2.14
CA PRO A 98 9.08 11.69 -1.24
C PRO A 98 8.52 11.86 0.18
N GLU A 99 7.20 11.96 0.31
CA GLU A 99 6.57 11.94 1.62
C GLU A 99 5.43 10.94 1.69
N SER A 100 5.06 10.60 2.93
CA SER A 100 4.04 9.59 3.17
C SER A 100 2.68 10.23 2.99
N LEU A 101 1.98 9.79 1.95
CA LEU A 101 0.69 10.36 1.62
C LEU A 101 -0.37 9.70 2.50
N HIS A 102 -0.12 8.44 2.80
CA HIS A 102 -0.94 7.71 3.76
C HIS A 102 -0.10 6.58 4.30
N SER A 103 -0.40 6.07 5.49
CA SER A 103 0.31 4.87 5.96
C SER A 103 -0.48 4.12 7.00
N PHE A 104 -0.25 2.82 7.07
CA PHE A 104 -0.96 1.99 8.05
C PHE A 104 -0.18 0.75 8.50
N SER A 105 -0.42 0.27 9.72
CA SER A 105 0.21 -0.97 10.17
C SER A 105 -0.45 -2.21 9.58
N VAL A 106 0.32 -3.29 9.49
CA VAL A 106 -0.25 -4.60 9.20
C VAL A 106 0.30 -5.49 10.28
N GLU A 107 -0.26 -6.68 10.40
CA GLU A 107 0.10 -7.61 11.46
C GLU A 107 1.57 -8.06 11.44
N ALA A 108 1.99 -8.67 10.34
CA ALA A 108 3.32 -9.26 10.26
C ALA A 108 3.99 -8.79 8.97
N PRO A 109 5.34 -8.94 8.87
CA PRO A 109 6.10 -8.51 7.71
C PRO A 109 5.52 -8.97 6.38
N VAL A 110 5.80 -8.16 5.35
CA VAL A 110 5.27 -8.37 4.01
C VAL A 110 6.41 -8.73 3.06
N SER A 111 6.33 -9.87 2.39
CA SER A 111 7.34 -10.21 1.40
C SER A 111 6.94 -10.00 -0.06
N CYS A 112 5.67 -9.66 -0.32
CA CYS A 112 5.18 -9.53 -1.71
C CYS A 112 3.95 -8.62 -1.79
N MET A 113 3.82 -7.84 -2.86
CA MET A 113 2.65 -6.96 -3.02
C MET A 113 2.25 -6.96 -4.47
N HIS A 114 0.94 -6.92 -4.74
CA HIS A 114 0.47 -6.68 -6.09
C HIS A 114 -0.71 -5.74 -6.06
N TRP A 115 -0.63 -4.61 -6.77
CA TRP A 115 -1.70 -3.63 -6.75
C TRP A 115 -2.54 -3.56 -8.06
N MET A 116 -3.76 -4.10 -8.04
CA MET A 116 -4.61 -4.25 -9.24
C MET A 116 -5.69 -3.18 -9.40
N GLU A 117 -6.40 -3.21 -10.52
CA GLU A 117 -7.60 -2.40 -10.71
C GLU A 117 -8.60 -3.07 -11.67
N VAL A 118 -9.87 -2.91 -11.39
CA VAL A 118 -10.92 -3.56 -12.16
C VAL A 118 -11.11 -2.85 -13.52
N THR A 119 -11.62 -3.54 -14.53
CA THR A 119 -11.83 -2.93 -15.84
C THR A 119 -12.74 -1.69 -15.82
N VAL A 120 -12.48 -0.76 -16.74
CA VAL A 120 -13.26 0.46 -16.91
C VAL A 120 -14.73 0.17 -17.18
N GLU A 121 -14.97 -0.94 -17.88
CA GLU A 121 -16.32 -1.38 -18.21
C GLU A 121 -17.14 -1.63 -16.95
N SER A 122 -16.44 -2.00 -15.87
CA SER A 122 -17.04 -2.31 -14.57
C SER A 122 -17.35 -1.10 -13.74
N SER A 123 -16.54 -0.05 -13.90
CA SER A 123 -16.63 1.14 -13.07
C SER A 123 -18.00 1.81 -13.13
N VAL A 124 -18.76 1.47 -14.17
CA VAL A 124 -20.07 2.05 -14.44
C VAL A 124 -21.02 1.75 -13.27
N LEU A 125 -21.81 2.75 -12.91
CA LEU A 125 -22.46 2.80 -11.61
C LEU A 125 -23.99 2.78 -11.70
N THR A 126 -24.66 1.77 -11.12
CA THR A 126 -26.10 1.93 -10.88
C THR A 126 -26.19 2.97 -9.78
N SER A 127 -27.10 3.92 -9.86
CA SER A 127 -27.04 5.02 -8.91
C SER A 127 -28.06 4.77 -7.79
N PHE A 128 -27.55 4.35 -6.64
CA PHE A 128 -28.37 4.24 -5.44
C PHE A 128 -28.13 5.46 -4.56
N TYR A 129 -27.30 6.38 -5.06
CA TYR A 129 -26.93 7.57 -4.31
C TYR A 129 -26.61 8.73 -5.24
N GLU A 132 -26.74 12.10 -4.77
CA GLU A 132 -26.09 12.59 -3.56
C GLU A 132 -24.57 12.74 -3.78
N ASP A 133 -24.02 13.91 -3.43
CA ASP A 133 -22.60 14.21 -3.68
C ASP A 133 -21.65 13.54 -2.67
N GLU A 134 -22.10 13.40 -1.43
CA GLU A 134 -21.28 12.83 -0.34
C GLU A 134 -21.14 11.31 -0.37
N SER A 135 -22.22 10.61 -0.73
CA SER A 135 -22.28 9.14 -0.62
C SER A 135 -21.26 8.41 -1.51
N ASN A 136 -21.03 8.91 -2.71
CA ASN A 136 -20.04 8.33 -3.61
C ASN A 136 -18.63 8.49 -3.06
N LEU A 137 -18.36 9.66 -2.46
CA LEU A 137 -17.03 10.05 -1.98
C LEU A 137 -16.40 9.09 -0.99
N LEU A 138 -15.11 8.86 -1.18
CA LEU A 138 -14.38 7.88 -0.38
C LEU A 138 -13.99 8.42 1.01
N LEU A 139 -13.57 9.67 1.08
CA LEU A 139 -13.04 10.20 2.34
C LEU A 139 -13.75 11.46 2.83
N PRO A 140 -13.76 11.68 4.15
CA PRO A 140 -14.37 12.88 4.71
C PRO A 140 -13.56 14.14 4.53
N LYS A 141 -14.20 15.22 4.10
CA LYS A 141 -13.53 16.49 4.21
C LYS A 141 -14.32 17.38 5.13
N LEU A 142 -13.75 17.64 6.30
CA LEU A 142 -14.39 18.36 7.38
C LEU A 142 -13.39 19.43 7.79
N PRO A 143 -13.81 20.42 8.62
CA PRO A 143 -12.87 21.45 9.06
C PRO A 143 -11.56 20.87 9.54
N THR A 144 -10.46 21.42 9.01
CA THR A 144 -9.15 20.77 9.10
C THR A 144 -8.52 21.01 10.46
N LEU A 145 -7.70 20.03 10.87
CA LEU A 145 -7.26 19.94 12.25
C LEU A 145 -5.99 20.72 12.54
N PRO A 146 -6.10 21.72 13.45
CA PRO A 146 -5.05 22.65 13.90
C PRO A 146 -3.71 21.98 14.26
N LYS A 147 -3.75 20.77 14.82
CA LYS A 147 -2.52 20.03 15.05
C LYS A 147 -1.95 19.64 13.68
N ASN A 148 -0.72 20.07 13.43
CA ASN A 148 -0.02 19.72 12.20
C ASN A 148 0.64 18.36 12.34
N TYR A 149 0.49 17.76 13.52
CA TYR A 149 0.91 16.38 13.71
C TYR A 149 -0.30 15.54 13.35
N SER A 150 -0.18 14.92 12.19
CA SER A 150 -1.21 14.10 11.58
C SER A 150 -0.90 12.67 11.97
N ASN A 151 0.16 12.54 12.77
CA ASN A 151 0.89 11.28 12.94
C ASN A 151 1.38 10.79 11.58
N THR A 152 0.88 9.63 11.16
CA THR A 152 1.33 8.98 9.94
C THR A 152 0.80 9.63 8.64
N SER A 153 -0.51 9.51 8.44
CA SER A 153 -1.17 10.04 7.23
C SER A 153 -1.59 11.50 7.35
N LYS A 154 -1.13 12.33 6.42
CA LYS A 154 -1.56 13.70 6.39
C LYS A 154 -2.66 13.78 5.37
N ILE A 155 -3.88 13.88 5.90
CA ILE A 155 -5.10 14.05 5.11
C ILE A 155 -5.87 15.19 5.73
N PHE A 156 -6.25 14.98 6.99
CA PHE A 156 -7.03 15.94 7.76
C PHE A 156 -6.22 17.10 8.22
N SER A 157 -4.93 16.87 8.38
CA SER A 157 -4.07 17.90 8.91
C SER A 157 -3.65 18.87 7.82
N GLU A 158 -3.32 18.33 6.65
CA GLU A 158 -3.03 19.17 5.50
C GLU A 158 -4.23 20.06 5.22
N GLU A 159 -3.99 21.35 5.08
CA GLU A 159 -5.10 22.31 5.06
C GLU A 159 -5.79 22.39 3.69
N ASN A 160 -7.06 22.05 3.70
CA ASN A 160 -7.99 22.30 2.60
C ASN A 160 -7.56 21.82 1.21
N SER A 161 -6.82 20.71 1.17
CA SER A 161 -6.50 20.08 -0.12
C SER A 161 -7.43 18.89 -0.37
N ASP A 162 -8.37 19.10 -1.28
CA ASP A 162 -9.22 18.06 -1.83
C ASP A 162 -8.35 17.03 -2.48
N GLU A 163 -7.24 17.52 -3.02
CA GLU A 163 -6.43 16.80 -3.97
C GLU A 163 -5.91 15.48 -3.47
N ILE A 164 -5.52 15.42 -2.21
CA ILE A 164 -5.07 14.16 -1.63
C ILE A 164 -6.20 13.13 -1.68
N ILE A 165 -7.37 13.56 -1.19
CA ILE A 165 -8.57 12.74 -1.22
C ILE A 165 -9.01 12.39 -2.64
N LYS A 166 -9.06 13.38 -3.54
CA LYS A 166 -9.43 13.09 -4.92
C LYS A 166 -8.51 12.04 -5.54
N LEU A 167 -7.21 12.19 -5.31
CA LEU A 167 -6.20 11.25 -5.78
C LEU A 167 -6.43 9.85 -5.24
N LEU A 168 -6.72 9.72 -3.95
CA LEU A 168 -6.93 8.40 -3.38
C LEU A 168 -8.25 7.75 -3.83
N GLY A 169 -9.34 8.49 -3.77
CA GLY A 169 -10.67 7.94 -3.96
C GLY A 169 -11.56 8.24 -5.16
N ASP A 170 -11.14 9.11 -6.06
CA ASP A 170 -12.03 9.51 -7.16
C ASP A 170 -11.89 8.56 -8.35
N VAL A 171 -11.26 7.43 -8.07
CA VAL A 171 -10.85 6.43 -9.04
C VAL A 171 -11.65 5.14 -8.86
N ARG A 172 -11.66 4.28 -9.88
CA ARG A 172 -12.37 2.99 -9.79
C ARG A 172 -11.77 2.04 -8.78
N LEU A 173 -12.55 1.03 -8.38
CA LEU A 173 -12.09 0.07 -7.40
C LEU A 173 -10.76 -0.52 -7.83
N ASN A 174 -9.79 -0.41 -6.92
CA ASN A 174 -8.44 -0.96 -7.08
C ASN A 174 -8.03 -1.69 -5.81
N ILE A 175 -7.32 -2.80 -5.92
CA ILE A 175 -7.06 -3.58 -4.70
C ILE A 175 -5.59 -3.85 -4.52
N LEU A 176 -5.08 -3.54 -3.35
CA LEU A 176 -3.68 -3.79 -3.07
C LEU A 176 -3.56 -5.04 -2.23
N VAL A 177 -3.05 -6.07 -2.88
CA VAL A 177 -2.84 -7.37 -2.30
C VAL A 177 -1.48 -7.52 -1.58
N LEU A 178 -1.53 -8.02 -0.35
CA LEU A 178 -0.35 -8.22 0.47
C LEU A 178 -0.06 -9.68 0.81
N GLY A 179 1.22 -10.02 0.82
CA GLY A 179 1.62 -11.37 1.15
C GLY A 179 2.96 -11.46 1.85
N GLY A 180 3.17 -12.58 2.54
CA GLY A 180 4.34 -12.80 3.34
C GLY A 180 4.40 -14.20 3.90
N SER A 181 5.46 -14.44 4.66
CA SER A 181 5.76 -15.72 5.29
C SER A 181 4.88 -16.03 6.52
N SER A 182 4.18 -15.00 6.97
CA SER A 182 3.31 -15.02 8.13
C SER A 182 2.15 -16.03 8.14
N GLY A 183 1.81 -16.62 7.00
CA GLY A 183 0.70 -17.56 6.97
C GLY A 183 -0.60 -17.09 6.33
N PHE A 184 -0.61 -15.86 5.82
CA PHE A 184 -1.84 -15.32 5.25
C PHE A 184 -1.62 -14.19 4.23
N ILE A 185 -2.69 -13.92 3.48
CA ILE A 185 -2.71 -12.89 2.43
C ILE A 185 -3.84 -11.87 2.63
N GLU A 186 -3.54 -10.59 2.53
CA GLU A 186 -4.60 -9.60 2.73
C GLU A 186 -4.92 -8.81 1.49
N LEU A 187 -6.12 -8.25 1.43
CA LEU A 187 -6.57 -7.47 0.28
C LEU A 187 -7.05 -6.12 0.74
N TYR A 188 -6.40 -5.06 0.26
CA TYR A 188 -6.75 -3.70 0.67
C TYR A 188 -7.38 -2.87 -0.44
N ALA A 189 -8.68 -2.66 -0.36
CA ALA A 189 -9.36 -1.80 -1.31
C ALA A 189 -8.77 -0.41 -1.28
N TYR A 190 -8.61 0.18 -2.46
CA TYR A 190 -8.28 1.58 -2.60
C TYR A 190 -6.88 1.86 -2.06
N GLY A 191 -6.25 0.81 -1.54
CA GLY A 191 -4.94 0.88 -0.91
C GLY A 191 -5.13 1.34 0.51
N MET A 192 -6.34 1.14 1.05
CA MET A 192 -6.73 1.76 2.32
C MET A 192 -7.36 0.81 3.33
N PHE A 193 -8.51 0.24 2.98
CA PHE A 193 -9.30 -0.59 3.91
C PHE A 193 -9.23 -2.07 3.58
N LYS A 194 -9.16 -2.95 4.58
CA LYS A 194 -8.93 -4.37 4.28
C LYS A 194 -10.21 -5.18 4.04
N ILE A 195 -10.45 -5.56 2.79
CA ILE A 195 -11.70 -6.27 2.46
C ILE A 195 -11.60 -7.77 2.35
N ALA A 196 -10.46 -8.34 2.73
CA ALA A 196 -10.31 -9.79 2.85
C ALA A 196 -8.98 -10.17 3.44
N ARG A 197 -8.99 -11.34 4.08
CA ARG A 197 -7.78 -11.96 4.54
C ARG A 197 -7.95 -13.45 4.35
N VAL A 198 -6.98 -14.05 3.68
CA VAL A 198 -7.03 -15.42 3.31
C VAL A 198 -6.02 -16.12 4.15
N THR A 199 -6.35 -17.32 4.59
CA THR A 199 -5.42 -18.07 5.41
C THR A 199 -5.01 -19.41 4.79
N GLY A 200 -4.25 -20.17 5.57
CA GLY A 200 -3.76 -21.45 5.11
C GLY A 200 -2.69 -21.28 4.06
N ILE A 201 -2.03 -20.11 4.07
CA ILE A 201 -1.01 -19.83 3.05
C ILE A 201 0.35 -20.22 3.59
N ALA A 202 0.86 -21.32 3.08
CA ALA A 202 1.98 -21.99 3.72
C ALA A 202 3.34 -21.58 3.19
N GLY A 203 4.17 -21.09 4.10
CA GLY A 203 5.51 -20.66 3.74
C GLY A 203 5.53 -19.20 3.35
N THR A 204 6.47 -18.84 2.47
CA THR A 204 6.68 -17.44 2.06
C THR A 204 6.10 -17.15 0.68
N CYS A 205 5.44 -16.01 0.50
CA CYS A 205 4.93 -15.60 -0.81
C CYS A 205 6.03 -15.00 -1.65
N LEU A 206 6.32 -15.68 -2.75
CA LEU A 206 7.23 -15.20 -3.76
C LEU A 206 6.52 -14.28 -4.75
N ALA A 207 5.27 -14.63 -5.08
CA ALA A 207 4.58 -13.91 -6.12
C ALA A 207 3.08 -13.91 -5.95
N LEU A 208 2.45 -12.76 -6.22
CA LEU A 208 1.00 -12.59 -6.07
C LEU A 208 0.41 -11.94 -7.29
N CYS A 209 -0.69 -12.48 -7.81
CA CYS A 209 -1.37 -11.85 -8.92
C CYS A 209 -2.89 -11.96 -8.78
N LEU A 210 -3.59 -10.84 -8.65
CA LEU A 210 -5.04 -10.89 -8.63
C LEU A 210 -5.61 -10.41 -9.95
N SER A 211 -6.52 -11.20 -10.53
CA SER A 211 -7.12 -10.94 -11.84
C SER A 211 -7.85 -9.63 -12.06
N SER A 212 -7.83 -9.18 -13.31
CA SER A 212 -8.55 -7.99 -13.76
C SER A 212 -10.06 -8.14 -13.57
N ASP A 213 -10.54 -9.36 -13.78
CA ASP A 213 -11.96 -9.66 -13.72
C ASP A 213 -12.35 -10.25 -12.39
N LEU A 214 -11.37 -10.37 -11.49
CA LEU A 214 -11.56 -10.90 -10.14
C LEU A 214 -12.09 -12.33 -10.12
N LYS A 215 -11.68 -13.13 -11.09
CA LYS A 215 -12.07 -14.52 -11.12
C LYS A 215 -11.13 -15.39 -10.27
N SER A 216 -9.86 -15.01 -10.18
CA SER A 216 -8.94 -15.84 -9.41
C SER A 216 -7.71 -15.06 -9.00
N LEU A 217 -7.06 -15.56 -7.96
CA LEU A 217 -5.83 -15.01 -7.45
C LEU A 217 -4.79 -16.08 -7.63
N SER A 218 -3.60 -15.72 -8.10
CA SER A 218 -2.56 -16.74 -8.19
C SER A 218 -1.43 -16.40 -7.24
N VAL A 219 -0.81 -17.44 -6.70
CA VAL A 219 0.19 -17.31 -5.64
C VAL A 219 1.34 -18.25 -5.97
N VAL A 220 2.56 -17.81 -5.75
CA VAL A 220 3.67 -18.76 -5.83
C VAL A 220 4.34 -18.74 -4.47
N THR A 221 4.59 -19.93 -3.92
CA THR A 221 4.95 -19.98 -2.53
C THR A 221 6.06 -20.99 -2.28
N GLU A 222 6.96 -20.60 -1.38
CA GLU A 222 8.16 -21.37 -1.06
C GLU A 222 8.09 -21.92 0.35
N VAL A 223 8.25 -23.23 0.47
CA VAL A 223 8.23 -23.97 1.73
C VAL A 223 9.58 -24.69 1.89
N SER A 224 9.99 -25.02 3.12
CA SER A 224 11.32 -25.57 3.29
C SER A 224 11.42 -26.87 4.11
N THR A 225 11.74 -27.97 3.44
CA THR A 225 12.35 -29.13 4.11
C THR A 225 13.81 -28.78 4.28
N ASN A 226 14.29 -28.73 5.52
CA ASN A 226 15.42 -27.89 5.91
C ASN A 226 16.71 -27.99 5.08
N GLY A 227 16.85 -29.06 4.30
CA GLY A 227 17.96 -29.13 3.38
C GLY A 227 17.78 -28.23 2.16
N ALA A 228 16.54 -28.08 1.71
CA ALA A 228 16.23 -27.47 0.42
C ALA A 228 14.93 -26.68 0.49
N SER A 229 14.37 -26.31 -0.66
CA SER A 229 13.10 -25.60 -0.66
C SER A 229 12.24 -26.03 -1.82
N GLU A 230 10.93 -26.11 -1.57
CA GLU A 230 9.96 -26.42 -2.61
C GLU A 230 9.11 -25.21 -2.95
N VAL A 231 8.95 -24.99 -4.25
CA VAL A 231 8.18 -23.87 -4.76
C VAL A 231 7.03 -24.36 -5.64
N SER A 232 5.85 -23.79 -5.36
CA SER A 232 4.60 -24.26 -5.92
C SER A 232 3.65 -23.13 -6.28
N TYR A 233 2.83 -23.38 -7.29
CA TYR A 233 1.85 -22.42 -7.78
C TYR A 233 0.43 -22.77 -7.28
N PHE A 234 -0.35 -21.73 -6.97
CA PHE A 234 -1.71 -21.87 -6.46
C PHE A 234 -2.65 -20.97 -7.17
N GLN A 235 -3.77 -21.47 -7.62
CA GLN A 235 -4.75 -20.52 -8.10
C GLN A 235 -5.98 -20.59 -7.23
N LEU A 236 -6.22 -19.56 -6.42
CA LEU A 236 -7.43 -19.49 -5.57
C LEU A 236 -8.61 -18.80 -6.23
N GLU A 237 -9.80 -19.28 -5.93
CA GLU A 237 -10.99 -18.72 -6.53
C GLU A 237 -11.58 -17.59 -5.73
N THR A 238 -11.83 -16.47 -6.39
CA THR A 238 -12.44 -15.38 -5.67
C THR A 238 -13.80 -15.19 -6.33
N ASN A 239 -14.85 -15.81 -5.78
CA ASN A 239 -16.09 -15.79 -6.52
C ASN A 239 -17.05 -14.72 -6.08
N LEU A 240 -16.79 -14.20 -4.89
CA LEU A 240 -17.72 -13.29 -4.26
C LEU A 240 -17.37 -11.92 -4.82
N LEU A 241 -16.07 -11.78 -5.08
CA LEU A 241 -15.51 -10.57 -5.60
C LEU A 241 -16.05 -10.38 -7.00
N TYR A 242 -16.22 -11.49 -7.73
CA TYR A 242 -16.69 -11.38 -9.09
C TYR A 242 -18.18 -11.08 -9.03
N SER A 243 -18.96 -12.09 -8.64
CA SER A 243 -20.43 -12.04 -8.74
C SER A 243 -21.02 -10.81 -8.03
N PHE A 244 -20.54 -10.48 -6.82
CA PHE A 244 -20.92 -9.18 -6.31
C PHE A 244 -19.71 -8.29 -6.39
N LEU A 245 -19.45 -7.67 -7.54
CA LEU A 245 -18.55 -6.56 -7.58
C LEU A 245 -19.16 -5.31 -6.94
N PRO A 246 -20.36 -4.90 -7.42
CA PRO A 246 -20.78 -3.54 -7.10
C PRO A 246 -21.13 -3.28 -5.66
N GLU A 247 -21.83 -4.23 -5.04
CA GLU A 247 -22.01 -4.20 -3.60
C GLU A 247 -20.70 -4.11 -2.84
N VAL A 248 -19.70 -4.89 -3.21
CA VAL A 248 -18.40 -4.79 -2.55
C VAL A 248 -17.69 -3.43 -2.74
N THR A 249 -17.81 -2.86 -3.93
CA THR A 249 -17.15 -1.60 -4.17
C THR A 249 -17.85 -0.49 -3.41
N ARG A 250 -19.17 -0.54 -3.40
CA ARG A 250 -19.96 0.38 -2.58
C ARG A 250 -19.69 0.28 -1.09
N MET A 251 -19.58 -0.95 -0.61
CA MET A 251 -19.33 -1.17 0.81
C MET A 251 -17.90 -0.95 1.25
N ALA A 252 -16.97 -0.92 0.29
CA ALA A 252 -15.57 -0.61 0.61
C ALA A 252 -15.41 0.91 0.62
N ARG A 253 -16.28 1.57 -0.13
CA ARG A 253 -16.23 3.00 -0.21
C ARG A 253 -16.76 3.47 1.17
N LYS A 254 -17.97 3.04 1.54
CA LYS A 254 -18.50 3.47 2.86
C LYS A 254 -17.64 3.00 4.05
N PHE A 255 -16.96 1.86 3.92
CA PHE A 255 -16.16 1.34 5.04
C PHE A 255 -14.87 2.10 5.27
N THR A 256 -14.17 2.39 4.17
CA THR A 256 -13.03 3.28 4.26
C THR A 256 -13.48 4.58 4.87
N HIS A 257 -14.47 5.22 4.25
CA HIS A 257 -14.95 6.50 4.77
C HIS A 257 -15.19 6.47 6.28
N ILE A 258 -15.88 5.43 6.72
CA ILE A 258 -16.20 5.31 8.13
C ILE A 258 -14.95 5.22 9.01
N SER A 259 -14.00 4.37 8.61
CA SER A 259 -12.76 4.26 9.35
C SER A 259 -11.97 5.59 9.41
N ALA A 260 -11.99 6.32 8.30
CA ALA A 260 -11.44 7.67 8.28
C ALA A 260 -12.08 8.68 9.23
N LEU A 261 -13.39 8.58 9.39
CA LEU A 261 -14.09 9.33 10.43
C LEU A 261 -13.60 8.92 11.80
N LEU A 262 -13.58 7.62 12.09
CA LEU A 262 -13.15 7.12 13.39
C LEU A 262 -11.82 7.81 13.74
N GLN A 263 -10.85 7.71 12.82
CA GLN A 263 -9.58 8.45 12.94
C GLN A 263 -9.75 9.95 13.23
N TYR A 264 -10.61 10.62 12.46
CA TYR A 264 -10.86 12.07 12.60
C TYR A 264 -11.47 12.48 13.95
N ILE A 265 -12.35 11.65 14.50
CA ILE A 265 -13.01 12.06 15.72
C ILE A 265 -12.03 11.73 16.84
N ASN A 266 -11.18 10.72 16.63
CA ASN A 266 -10.04 10.47 17.53
C ASN A 266 -9.14 11.71 17.58
N LEU A 267 -8.78 12.21 16.41
CA LEU A 267 -7.76 13.24 16.36
C LEU A 267 -8.33 14.50 16.97
N SER A 268 -9.55 14.84 16.58
CA SER A 268 -10.26 15.99 17.13
C SER A 268 -10.28 15.96 18.66
N LEU A 269 -10.63 14.79 19.20
CA LEU A 269 -10.67 14.61 20.64
C LEU A 269 -9.29 14.81 21.29
N THR A 270 -8.28 14.26 20.63
CA THR A 270 -6.88 14.47 21.00
C THR A 270 -6.57 15.95 21.05
N CYS A 271 -7.07 16.66 20.05
CA CYS A 271 -6.79 18.05 19.80
C CYS A 271 -7.27 18.94 20.93
N MET A 272 -8.54 18.79 21.31
CA MET A 272 -9.03 19.55 22.46
C MET A 272 -8.13 19.20 23.65
N CYS A 273 -7.93 17.91 23.91
CA CYS A 273 -7.13 17.55 25.09
C CYS A 273 -5.71 18.16 25.24
N GLU A 274 -4.87 18.10 24.19
CA GLU A 274 -3.53 18.76 24.27
C GLU A 274 -3.61 20.30 24.39
N ALA A 275 -4.61 20.92 23.75
CA ALA A 275 -4.60 22.38 23.80
C ALA A 275 -4.97 22.82 25.20
N TRP A 276 -6.01 22.18 25.72
CA TRP A 276 -6.47 22.50 27.07
C TRP A 276 -5.44 22.15 28.17
N GLU A 277 -4.74 21.05 27.96
CA GLU A 277 -3.62 20.67 28.82
C GLU A 277 -2.56 21.76 28.87
N GLU A 278 -2.01 22.14 27.72
CA GLU A 278 -0.95 23.14 27.72
C GLU A 278 -1.36 24.54 28.21
N ILE A 279 -2.61 24.95 27.99
CA ILE A 279 -3.01 26.25 28.55
C ILE A 279 -3.11 26.14 30.08
N LEU A 280 -3.66 25.03 30.58
CA LEU A 280 -3.70 24.85 32.03
C LEU A 280 -2.28 24.88 32.62
N MET A 281 -1.36 24.12 32.02
CA MET A 281 0.03 24.11 32.50
C MET A 281 0.70 25.49 32.56
N GLN A 282 0.61 26.22 31.44
CA GLN A 282 1.27 27.53 31.35
C GLN A 282 0.62 28.50 32.34
N MET A 283 -0.70 28.40 32.51
CA MET A 283 -1.37 29.21 33.53
C MET A 283 -0.96 28.91 34.98
N ASP A 284 -1.17 27.66 35.37
CA ASP A 284 -0.85 27.13 36.71
C ASP A 284 0.55 27.28 37.28
N SER A 285 1.59 26.79 36.58
CA SER A 285 2.90 26.95 37.21
C SER A 285 3.58 28.29 36.98
N ARG A 286 2.88 29.19 36.29
CA ARG A 286 3.31 30.58 36.18
C ARG A 286 3.49 31.13 37.61
N LEU A 287 2.61 30.65 38.50
CA LEU A 287 2.49 31.05 39.89
C LEU A 287 3.79 31.20 40.67
N LYS A 294 6.15 34.21 47.40
CA LYS A 294 5.18 34.48 48.44
C LYS A 294 5.03 33.30 49.38
N ASN A 295 5.38 33.48 50.65
CA ASN A 295 5.51 32.36 51.57
C ASN A 295 4.19 31.85 52.11
N THR A 296 3.28 32.76 52.50
CA THR A 296 2.09 32.41 53.27
C THR A 296 1.31 31.28 52.58
N THR A 297 0.88 30.33 53.41
CA THR A 297 0.52 28.99 52.96
C THR A 297 -0.68 28.89 51.99
N THR A 298 -1.76 29.60 52.31
CA THR A 298 -3.09 29.36 51.73
C THR A 298 -3.24 29.44 50.19
N SER A 299 -4.01 28.49 49.63
CA SER A 299 -4.29 28.46 48.20
C SER A 299 -5.25 29.58 47.87
N VAL A 300 -6.22 29.78 48.76
CA VAL A 300 -7.27 30.79 48.63
C VAL A 300 -6.94 31.98 49.49
N GLN A 301 -6.47 32.99 48.80
CA GLN A 301 -6.19 34.25 49.38
C GLN A 301 -7.51 35.03 49.25
N ASP A 302 -8.17 34.69 48.14
CA ASP A 302 -9.45 35.21 47.66
C ASP A 302 -10.62 35.24 48.66
N GLU A 303 -11.29 36.39 48.79
CA GLU A 303 -12.43 36.48 49.71
C GLU A 303 -13.42 37.58 49.29
N GLN A 318 0.32 39.92 48.66
CA GLN A 318 0.41 39.27 47.35
C GLN A 318 -0.04 40.45 46.49
N THR A 319 0.52 41.63 46.71
CA THR A 319 0.10 42.80 45.96
C THR A 319 0.99 43.07 44.77
N LEU A 320 2.15 42.41 44.78
CA LEU A 320 3.08 42.46 43.66
C LEU A 320 2.74 41.22 42.80
N LEU A 321 1.53 40.71 43.09
CA LEU A 321 0.50 40.42 42.07
C LEU A 321 0.23 41.53 41.02
N MET A 322 0.18 42.79 41.44
CA MET A 322 -0.09 43.90 40.53
C MET A 322 1.12 44.67 39.97
N ASN A 323 2.34 44.30 40.32
CA ASN A 323 3.48 45.03 39.77
C ASN A 323 4.12 44.32 38.54
N GLN A 324 3.45 43.25 38.07
CA GLN A 324 3.80 42.53 36.81
C GLN A 324 2.48 42.36 36.01
N LEU A 325 1.53 41.61 36.58
CA LEU A 325 0.24 41.37 35.97
C LEU A 325 -0.71 42.46 36.49
N THR A 326 -1.33 43.22 35.60
CA THR A 326 -1.97 44.46 36.05
C THR A 326 -3.43 44.43 35.67
N VAL A 327 -4.11 45.54 35.92
CA VAL A 327 -5.49 45.68 35.48
C VAL A 327 -5.57 45.54 33.95
N LYS A 328 -4.44 45.78 33.27
CA LYS A 328 -4.27 45.42 31.87
C LYS A 328 -4.07 43.91 31.77
N GLY A 329 -3.03 43.45 32.47
CA GLY A 329 -2.67 42.05 32.47
C GLY A 329 -3.84 41.11 32.72
N LEU A 330 -4.73 41.46 33.64
CA LEU A 330 -5.90 40.63 33.93
C LEU A 330 -6.76 40.45 32.69
N LYS A 331 -7.13 41.58 32.07
CA LYS A 331 -7.91 41.57 30.84
C LYS A 331 -7.23 40.68 29.82
N LYS A 332 -5.90 40.80 29.73
CA LYS A 332 -5.22 40.20 28.60
C LYS A 332 -4.67 38.78 28.87
N LEU A 333 -4.87 38.29 30.08
CA LEU A 333 -4.91 36.86 30.32
C LEU A 333 -6.33 36.40 29.99
N GLY A 334 -7.28 37.29 30.25
CA GLY A 334 -8.69 37.01 30.04
C GLY A 334 -8.93 36.54 28.61
N GLN A 335 -8.56 37.34 27.59
CA GLN A 335 -8.87 36.91 26.20
C GLN A 335 -8.17 35.62 25.84
N SER A 336 -6.93 35.46 26.32
CA SER A 336 -6.18 34.22 26.17
C SER A 336 -7.08 33.07 26.57
N ILE A 337 -7.70 33.16 27.75
CA ILE A 337 -8.49 32.04 28.22
C ILE A 337 -9.87 31.84 27.56
N GLU A 338 -10.72 32.89 27.45
CA GLU A 338 -12.01 32.70 26.70
C GLU A 338 -11.77 32.26 25.25
N SER A 339 -10.61 32.59 24.69
CA SER A 339 -10.29 32.18 23.33
C SER A 339 -9.96 30.70 23.37
N SER A 340 -9.03 30.28 24.24
CA SER A 340 -8.81 28.84 24.49
C SER A 340 -10.14 28.07 24.55
N TYR A 341 -11.06 28.58 25.37
CA TYR A 341 -12.37 27.95 25.55
C TYR A 341 -13.16 27.91 24.26
N SER A 342 -13.06 28.99 23.48
CA SER A 342 -13.77 29.05 22.21
C SER A 342 -13.26 28.01 21.21
N SER A 343 -11.95 27.79 21.26
CA SER A 343 -11.31 26.80 20.43
C SER A 343 -11.90 25.46 20.79
N ILE A 344 -12.05 25.18 22.08
CA ILE A 344 -12.59 23.87 22.40
C ILE A 344 -14.11 23.64 22.11
N GLN A 345 -15.03 24.59 22.38
CA GLN A 345 -16.39 24.37 21.83
C GLN A 345 -16.43 24.23 20.31
N LYS A 346 -15.94 25.25 19.62
CA LYS A 346 -15.91 25.27 18.14
C LYS A 346 -15.39 23.91 17.64
N LEU A 347 -14.39 23.40 18.37
CA LEU A 347 -13.77 22.12 18.05
C LEU A 347 -14.82 21.01 18.21
N VAL A 348 -15.43 20.87 19.40
CA VAL A 348 -16.44 19.82 19.61
C VAL A 348 -17.60 19.78 18.61
N ILE A 349 -18.13 20.97 18.33
CA ILE A 349 -19.31 21.05 17.46
C ILE A 349 -19.01 20.84 16.00
N SER A 350 -18.19 21.76 15.48
CA SER A 350 -17.72 21.70 14.12
C SER A 350 -16.88 20.51 13.73
N HIS A 351 -16.03 20.02 14.63
CA HIS A 351 -15.23 18.85 14.26
C HIS A 351 -15.74 17.51 14.70
N LEU A 352 -15.77 17.30 16.00
CA LEU A 352 -16.27 16.04 16.53
C LEU A 352 -17.73 15.73 16.26
N GLN A 353 -18.64 16.63 16.63
CA GLN A 353 -20.04 16.32 16.42
C GLN A 353 -20.41 16.06 14.96
N SER A 354 -19.93 16.89 14.04
CA SER A 354 -20.24 16.72 12.61
C SER A 354 -19.61 15.48 11.99
N GLY A 355 -18.59 14.94 12.66
CA GLY A 355 -18.00 13.69 12.23
C GLY A 355 -18.93 12.60 12.68
N SER A 356 -19.30 12.63 13.96
CA SER A 356 -20.37 11.80 14.49
C SER A 356 -21.66 11.75 13.60
N GLU A 357 -22.08 12.93 13.13
CA GLU A 357 -23.21 13.08 12.21
C GLU A 357 -23.04 12.35 10.89
N SER A 358 -21.92 12.62 10.21
CA SER A 358 -21.63 11.94 8.94
C SER A 358 -21.67 10.42 9.19
N LEU A 359 -21.00 9.97 10.26
CA LEU A 359 -21.08 8.58 10.73
C LEU A 359 -22.51 8.10 10.66
N LEU A 360 -23.46 8.86 11.19
CA LEU A 360 -24.81 8.33 11.19
C LEU A 360 -25.46 8.38 9.82
N TYR A 361 -24.98 9.23 8.94
CA TYR A 361 -25.50 9.15 7.59
C TYR A 361 -25.01 7.92 6.82
N HIS A 362 -23.75 7.54 7.05
CA HIS A 362 -23.26 6.42 6.26
C HIS A 362 -23.73 5.12 6.86
N LEU A 363 -23.78 5.08 8.19
CA LEU A 363 -24.48 4.07 8.94
C LEU A 363 -25.89 3.80 8.41
N SER A 364 -26.68 4.86 8.28
CA SER A 364 -28.07 4.66 7.89
C SER A 364 -28.16 4.12 6.47
N GLU A 365 -27.22 4.58 5.63
CA GLU A 365 -27.15 4.06 4.27
C GLU A 365 -26.72 2.61 4.24
N LEU A 366 -25.91 2.26 5.23
CA LEU A 366 -25.35 0.93 5.32
C LEU A 366 -26.44 -0.03 5.77
N LYS A 367 -27.34 0.47 6.61
CA LYS A 367 -28.41 -0.39 7.09
C LYS A 367 -29.40 -0.50 5.92
N GLY A 368 -29.44 0.52 5.05
CA GLY A 368 -30.32 0.36 3.91
C GLY A 368 -29.74 -0.62 2.89
N MET A 369 -28.43 -0.76 2.89
CA MET A 369 -27.77 -1.85 2.16
C MET A 369 -28.17 -3.23 2.73
N ALA A 370 -27.97 -3.41 4.04
CA ALA A 370 -28.21 -4.70 4.67
C ALA A 370 -29.70 -5.00 4.80
N SER A 371 -30.55 -4.07 4.38
CA SER A 371 -32.00 -4.28 4.31
C SER A 371 -32.27 -5.27 3.19
N TRP A 372 -31.48 -5.18 2.12
CA TRP A 372 -31.67 -6.11 1.01
C TRP A 372 -30.79 -7.23 1.47
N LYS A 373 -31.51 -8.18 2.06
CA LYS A 373 -31.03 -9.46 2.55
C LYS A 373 -30.09 -10.23 1.61
N GLN A 374 -30.52 -10.45 0.36
CA GLN A 374 -29.93 -11.48 -0.47
C GLN A 374 -28.77 -10.87 -1.23
N LYS A 375 -28.87 -9.56 -1.51
CA LYS A 375 -27.84 -8.88 -2.29
C LYS A 375 -26.61 -8.73 -1.45
N TYR A 376 -26.79 -8.11 -0.30
CA TYR A 376 -25.61 -7.71 0.43
C TYR A 376 -25.01 -8.76 1.35
N GLU A 377 -25.74 -9.60 2.09
CA GLU A 377 -24.92 -10.32 3.07
C GLU A 377 -24.72 -11.81 3.02
N PRO A 378 -24.16 -12.26 1.90
CA PRO A 378 -23.01 -13.14 1.73
C PRO A 378 -21.67 -12.42 2.04
N LEU A 379 -21.70 -11.09 2.16
CA LEU A 379 -20.49 -10.31 2.42
C LEU A 379 -20.24 -9.88 3.89
N GLY A 380 -21.08 -10.28 4.83
CA GLY A 380 -20.88 -9.93 6.26
C GLY A 380 -21.25 -8.56 6.87
N LEU A 381 -22.44 -8.04 6.57
CA LEU A 381 -23.03 -6.90 7.32
C LEU A 381 -24.28 -7.34 8.12
N ASP A 382 -24.15 -7.44 9.44
CA ASP A 382 -25.31 -7.72 10.23
C ASP A 382 -26.11 -6.44 10.24
N ALA A 383 -27.41 -6.55 9.97
CA ALA A 383 -28.32 -5.42 10.17
C ALA A 383 -28.15 -5.05 11.62
N ALA A 384 -28.19 -6.08 12.46
CA ALA A 384 -28.02 -6.02 13.92
C ALA A 384 -26.80 -5.25 14.42
N GLY A 385 -25.63 -5.64 13.90
CA GLY A 385 -24.37 -4.98 14.22
C GLY A 385 -24.34 -3.51 13.86
N ILE A 386 -24.80 -3.19 12.65
CA ILE A 386 -24.91 -1.80 12.19
C ILE A 386 -25.83 -0.99 13.12
N GLU A 387 -27.00 -1.55 13.43
CA GLU A 387 -27.97 -0.93 14.34
C GLU A 387 -27.33 -0.57 15.67
N GLU A 388 -26.58 -1.53 16.21
CA GLU A 388 -25.92 -1.25 17.47
C GLU A 388 -24.85 -0.16 17.36
N ALA A 389 -24.05 -0.21 16.29
CA ALA A 389 -23.07 0.83 16.00
C ALA A 389 -23.70 2.22 16.03
N ILE A 390 -24.79 2.38 15.28
CA ILE A 390 -25.56 3.64 15.27
C ILE A 390 -26.03 4.13 16.66
N THR A 391 -26.58 3.23 17.47
CA THR A 391 -26.93 3.68 18.82
C THR A 391 -25.70 4.18 19.62
N ALA A 392 -24.55 3.50 19.48
CA ALA A 392 -23.34 3.97 20.16
C ALA A 392 -22.88 5.33 19.66
N VAL A 393 -23.11 5.60 18.38
CA VAL A 393 -22.75 6.91 17.83
C VAL A 393 -23.64 7.97 18.44
N GLY A 394 -24.93 7.68 18.53
CA GLY A 394 -25.85 8.61 19.15
C GLY A 394 -25.45 8.96 20.57
N SER A 395 -25.04 7.94 21.31
CA SER A 395 -24.55 8.13 22.68
C SER A 395 -23.25 8.93 22.76
N PHE A 396 -22.45 8.83 21.70
CA PHE A 396 -21.24 9.63 21.64
C PHE A 396 -21.55 11.11 21.35
N ILE A 397 -22.46 11.36 20.40
CA ILE A 397 -22.96 12.71 20.15
C ILE A 397 -23.52 13.30 21.42
N LEU A 398 -24.29 12.49 22.16
CA LEU A 398 -24.99 12.97 23.33
C LEU A 398 -24.06 13.17 24.51
N LYS A 399 -23.07 12.29 24.66
CA LYS A 399 -22.07 12.50 25.69
C LYS A 399 -21.28 13.75 25.33
N ALA A 400 -21.16 14.05 24.03
CA ALA A 400 -20.46 15.26 23.56
C ALA A 400 -21.25 16.54 23.86
N ASN A 401 -22.57 16.49 23.62
CA ASN A 401 -23.49 17.57 23.93
C ASN A 401 -23.57 17.82 25.44
N GLU A 402 -23.49 16.71 26.19
CA GLU A 402 -23.31 16.74 27.65
C GLU A 402 -21.98 17.41 28.04
N LEU A 403 -20.89 17.15 27.31
CA LEU A 403 -19.60 17.83 27.58
C LEU A 403 -19.65 19.35 27.36
N LEU A 404 -20.30 19.78 26.28
CA LEU A 404 -20.37 21.20 25.99
C LEU A 404 -20.75 22.12 27.21
N GLN A 405 -21.59 21.64 28.16
CA GLN A 405 -21.97 22.46 29.37
C GLN A 405 -21.31 22.20 30.68
N VAL A 406 -20.56 21.13 30.74
CA VAL A 406 -19.41 21.12 31.65
C VAL A 406 -18.63 22.39 31.25
N ILE A 407 -18.42 22.61 29.94
CA ILE A 407 -17.75 23.85 29.49
C ILE A 407 -18.52 25.12 29.89
N ASP A 408 -19.80 25.26 29.51
CA ASP A 408 -20.54 26.47 29.94
C ASP A 408 -20.36 26.78 31.42
N SER A 409 -20.48 25.79 32.30
CA SER A 409 -20.40 26.08 33.74
C SER A 409 -18.98 26.43 34.26
N SER A 410 -17.99 25.71 33.73
CA SER A 410 -16.60 26.08 33.99
C SER A 410 -16.33 27.53 33.59
N MET A 411 -16.84 27.90 32.40
CA MET A 411 -16.72 29.26 31.88
C MET A 411 -17.36 30.31 32.78
N LYS A 412 -18.65 30.15 33.08
CA LYS A 412 -19.34 31.08 33.97
C LYS A 412 -18.64 31.24 35.31
N ASN A 413 -18.02 30.17 35.84
CA ASN A 413 -17.21 30.28 37.06
C ASN A 413 -15.95 31.12 36.80
N PHE A 414 -15.15 30.73 35.81
CA PHE A 414 -13.89 31.44 35.56
C PHE A 414 -14.09 32.92 35.28
N LYS A 415 -15.09 33.22 34.47
CA LYS A 415 -15.26 34.58 34.09
C LYS A 415 -16.03 35.33 35.21
N ALA A 416 -16.76 34.60 36.08
CA ALA A 416 -17.26 35.17 37.35
C ALA A 416 -16.17 35.76 38.20
N PHE A 417 -15.28 34.83 38.49
CA PHE A 417 -14.06 35.09 39.14
C PHE A 417 -13.35 36.30 38.54
N PHE A 418 -13.17 36.28 37.21
CA PHE A 418 -12.38 37.30 36.52
C PHE A 418 -12.95 38.68 36.79
N ARG A 419 -14.25 38.81 36.56
CA ARG A 419 -14.96 40.09 36.64
C ARG A 419 -14.99 40.74 38.02
N TRP A 420 -15.22 39.96 39.07
CA TRP A 420 -15.34 40.56 40.36
C TRP A 420 -13.91 40.87 40.77
N LEU A 421 -12.99 40.03 40.31
CA LEU A 421 -11.59 40.27 40.57
C LEU A 421 -11.14 41.61 39.98
N TYR A 422 -11.46 41.88 38.71
CA TYR A 422 -11.13 43.14 38.04
C TYR A 422 -11.50 44.35 38.91
N VAL A 423 -12.73 44.35 39.41
CA VAL A 423 -13.20 45.39 40.32
C VAL A 423 -12.35 45.42 41.58
N ALA A 424 -11.99 44.25 42.09
CA ALA A 424 -11.17 44.17 43.28
C ALA A 424 -9.76 44.70 43.03
N MET A 425 -9.35 44.70 41.76
CA MET A 425 -8.04 45.18 41.39
C MET A 425 -8.01 46.69 41.24
N LEU A 426 -9.09 47.26 40.72
CA LEU A 426 -9.18 48.71 40.66
C LEU A 426 -9.90 49.30 41.89
N ARG A 427 -10.44 48.46 42.77
CA ARG A 427 -10.86 48.97 44.08
C ARG A 427 -9.62 48.95 44.94
N MET A 428 -8.62 48.21 44.45
CA MET A 428 -7.32 48.13 45.07
C MET A 428 -6.47 49.30 44.59
N THR A 429 -7.04 50.21 43.80
CA THR A 429 -6.39 51.51 43.64
C THR A 429 -7.17 52.64 44.39
N GLU A 430 -8.30 53.15 43.90
CA GLU A 430 -9.10 54.10 44.69
C GLU A 430 -10.55 53.67 44.90
N ILE A 445 -20.75 36.17 43.45
CA ILE A 445 -21.44 36.08 44.73
C ILE A 445 -21.60 34.62 45.07
N THR A 446 -22.68 34.01 44.60
CA THR A 446 -22.83 32.57 44.69
C THR A 446 -21.66 32.00 43.91
N PHE A 447 -21.28 32.71 42.86
CA PHE A 447 -20.09 32.38 42.11
C PHE A 447 -18.83 33.12 42.60
N VAL A 448 -18.97 33.87 43.70
CA VAL A 448 -17.88 34.14 44.66
C VAL A 448 -17.50 32.84 45.35
N ALA A 449 -18.54 32.07 45.64
CA ALA A 449 -18.40 30.69 46.01
C ALA A 449 -17.81 30.00 44.80
N GLU A 450 -18.22 30.42 43.62
CA GLU A 450 -17.62 29.86 42.42
C GLU A 450 -16.13 30.14 42.39
N PHE A 451 -15.75 31.33 42.82
CA PHE A 451 -14.35 31.71 42.85
C PHE A 451 -13.58 30.82 43.78
N LEU A 452 -14.17 30.58 44.93
CA LEU A 452 -13.50 29.72 45.89
C LEU A 452 -13.36 28.33 45.29
N THR A 453 -14.40 27.86 44.64
CA THR A 453 -14.38 26.51 44.15
C THR A 453 -13.27 26.42 43.14
N GLU A 454 -13.16 27.44 42.31
CA GLU A 454 -12.17 27.43 41.26
C GLU A 454 -10.77 27.38 41.84
N HIS A 455 -10.52 28.19 42.86
CA HIS A 455 -9.20 28.20 43.44
C HIS A 455 -8.88 26.84 44.00
N PHE A 456 -9.86 26.21 44.65
CA PHE A 456 -9.65 24.86 45.14
C PHE A 456 -9.27 24.00 43.96
N ASN A 457 -9.84 24.35 42.82
CA ASN A 457 -9.54 23.73 41.55
C ASN A 457 -8.18 24.21 41.08
N GLU A 473 -8.01 21.35 37.73
CA GLU A 473 -8.23 19.91 37.60
C GLU A 473 -9.70 19.52 37.49
N ARG A 474 -10.59 20.51 37.33
CA ARG A 474 -12.02 20.25 37.15
C ARG A 474 -12.39 19.89 35.72
N VAL A 475 -11.70 20.49 34.77
CA VAL A 475 -11.91 20.15 33.37
C VAL A 475 -11.10 18.92 33.00
N GLY A 476 -10.07 18.64 33.80
CA GLY A 476 -9.19 17.52 33.55
C GLY A 476 -9.88 16.18 33.37
N GLN A 477 -10.73 15.82 34.32
CA GLN A 477 -11.34 14.50 34.33
C GLN A 477 -12.48 14.32 33.32
N TYR A 478 -13.39 15.29 33.26
CA TYR A 478 -14.65 15.17 32.52
C TYR A 478 -14.46 14.83 31.05
N LEU A 479 -13.25 15.08 30.54
CA LEU A 479 -12.81 14.73 29.18
C LEU A 479 -11.76 13.62 29.19
N LEU A 522 -17.17 7.51 34.17
CA LEU A 522 -16.69 6.84 32.95
C LEU A 522 -16.77 7.75 31.68
N HIS A 523 -15.63 8.06 31.04
CA HIS A 523 -15.68 8.80 29.76
C HIS A 523 -15.75 7.91 28.55
N PHE A 524 -14.68 7.15 28.23
CA PHE A 524 -14.46 6.90 26.81
C PHE A 524 -15.56 5.94 26.38
N VAL A 525 -16.53 6.59 25.75
CA VAL A 525 -17.60 6.02 24.98
C VAL A 525 -16.95 5.85 23.65
N LYS A 526 -15.97 6.74 23.43
CA LYS A 526 -15.11 6.73 22.24
C LYS A 526 -14.69 5.30 22.04
N ARG A 527 -13.99 4.75 23.02
CA ARG A 527 -13.44 3.41 22.94
C ARG A 527 -14.51 2.37 22.59
N ARG A 528 -15.69 2.50 23.18
CA ARG A 528 -16.73 1.50 22.95
C ARG A 528 -17.47 1.69 21.59
N MET A 529 -17.67 2.94 21.18
CA MET A 529 -18.23 3.22 19.86
C MET A 529 -17.34 2.65 18.78
N GLU A 530 -16.06 3.03 18.83
CA GLU A 530 -15.11 2.53 17.84
C GLU A 530 -14.94 1.00 17.99
N ASN A 531 -15.25 0.45 19.17
CA ASN A 531 -15.25 -1.00 19.33
C ASN A 531 -16.35 -1.71 18.53
N ILE A 532 -17.59 -1.24 18.68
CA ILE A 532 -18.70 -1.87 17.97
C ILE A 532 -18.56 -1.70 16.47
N ILE A 533 -18.21 -0.47 16.08
CA ILE A 533 -18.01 -0.19 14.67
C ILE A 533 -16.94 -1.11 14.12
N ASP A 534 -15.77 -1.15 14.79
CA ASP A 534 -14.68 -2.04 14.37
C ASP A 534 -15.08 -3.51 14.17
N GLN A 535 -15.94 -4.10 15.03
CA GLN A 535 -16.40 -5.46 14.65
C GLN A 535 -17.24 -5.48 13.37
N CYS A 536 -18.18 -4.52 13.20
CA CYS A 536 -18.86 -4.44 11.89
C CYS A 536 -17.96 -4.38 10.68
N LEU A 537 -16.89 -3.57 10.76
CA LEU A 537 -15.97 -3.40 9.64
C LEU A 537 -15.10 -4.64 9.40
N GLN A 538 -14.76 -5.31 10.49
CA GLN A 538 -13.85 -6.43 10.38
C GLN A 538 -14.53 -7.72 9.99
N LYS A 539 -15.85 -7.78 10.09
CA LYS A 539 -16.47 -9.06 9.71
C LYS A 539 -16.39 -9.37 8.16
N PRO A 540 -16.67 -8.40 7.25
CA PRO A 540 -16.68 -8.73 5.83
C PRO A 540 -15.36 -9.27 5.31
N ALA A 541 -14.28 -8.68 5.80
CA ALA A 541 -12.92 -9.12 5.53
C ALA A 541 -12.79 -10.65 5.73
N ASP A 542 -13.24 -11.12 6.89
CA ASP A 542 -13.14 -12.54 7.24
C ASP A 542 -14.08 -13.41 6.46
N VAL A 543 -15.32 -12.96 6.29
CA VAL A 543 -16.28 -13.69 5.47
C VAL A 543 -15.75 -13.96 4.06
N ILE A 544 -15.23 -12.93 3.43
CA ILE A 544 -14.69 -13.01 2.08
C ILE A 544 -13.42 -13.89 1.99
N GLY A 545 -12.49 -13.67 2.92
CA GLY A 545 -11.31 -14.52 2.97
C GLY A 545 -11.67 -15.99 3.14
N LYS A 546 -12.73 -16.25 3.92
CA LYS A 546 -13.26 -17.61 4.00
C LYS A 546 -14.02 -18.01 2.73
N SER A 547 -14.36 -17.03 1.88
CA SER A 547 -15.01 -17.31 0.59
C SER A 547 -14.01 -17.73 -0.47
N MET A 548 -12.73 -17.53 -0.17
CA MET A 548 -11.68 -17.91 -1.13
C MET A 548 -11.07 -19.31 -0.97
N ASN A 549 -11.72 -20.15 -0.17
CA ASN A 549 -11.20 -21.49 0.22
C ASN A 549 -10.83 -22.52 -0.88
N GLN A 550 -11.27 -22.31 -2.11
CA GLN A 550 -10.95 -23.24 -3.20
C GLN A 550 -9.59 -22.93 -3.87
N ALA A 551 -8.89 -23.97 -4.33
CA ALA A 551 -7.54 -23.80 -4.83
C ALA A 551 -7.16 -24.82 -5.90
N ILE A 552 -6.23 -24.44 -6.76
CA ILE A 552 -5.58 -25.36 -7.67
C ILE A 552 -4.15 -25.45 -7.18
N CYS A 553 -3.56 -26.64 -7.22
CA CYS A 553 -2.15 -26.70 -6.86
C CYS A 553 -1.30 -27.39 -7.93
N ILE A 554 -0.35 -26.66 -8.48
CA ILE A 554 0.68 -27.27 -9.32
C ILE A 554 2.02 -27.01 -8.70
N PRO A 555 2.69 -28.07 -8.24
CA PRO A 555 4.03 -27.87 -7.69
C PRO A 555 5.04 -27.71 -8.82
N LEU A 556 6.03 -26.85 -8.59
CA LEU A 556 6.98 -26.49 -9.61
C LEU A 556 8.28 -27.21 -9.43
N TYR A 557 8.99 -26.94 -8.34
CA TYR A 557 10.32 -27.55 -8.19
C TYR A 557 10.83 -27.65 -6.72
N ARG A 558 11.76 -28.56 -6.45
CA ARG A 558 12.41 -28.56 -5.15
C ARG A 558 13.92 -28.69 -5.27
N ASP A 559 14.63 -27.70 -4.77
CA ASP A 559 16.08 -27.73 -4.83
C ASP A 559 16.71 -26.78 -3.85
N THR A 560 18.03 -26.76 -3.90
CA THR A 560 18.84 -26.00 -2.98
C THR A 560 19.22 -24.60 -3.47
N ARG A 561 18.68 -24.19 -4.62
CA ARG A 561 19.08 -22.95 -5.28
C ARG A 561 19.06 -21.70 -4.40
N SER A 562 18.07 -21.60 -3.52
CA SER A 562 17.92 -20.42 -2.67
C SER A 562 18.66 -20.54 -1.34
N GLU A 563 19.18 -21.73 -1.06
CA GLU A 563 19.89 -21.97 0.20
C GLU A 563 21.16 -21.14 0.29
N ASP A 564 21.84 -20.98 -0.85
CA ASP A 564 22.99 -20.08 -0.89
C ASP A 564 22.45 -18.67 -0.74
N SER A 565 22.87 -17.96 0.29
CA SER A 565 22.16 -16.73 0.61
C SER A 565 22.89 -15.46 0.18
N THR A 566 22.35 -14.90 -0.89
CA THR A 566 22.55 -13.53 -1.29
C THR A 566 21.12 -13.10 -1.58
N ARG A 567 20.82 -11.81 -1.41
CA ARG A 567 19.44 -11.34 -1.47
C ARG A 567 18.77 -11.75 -2.78
N ARG A 568 17.59 -12.37 -2.68
CA ARG A 568 16.94 -13.01 -3.82
C ARG A 568 16.16 -12.05 -4.74
N LEU A 569 15.76 -10.92 -4.14
CA LEU A 569 15.02 -9.81 -4.78
C LEU A 569 13.53 -10.10 -5.07
N PHE A 570 13.14 -11.37 -4.99
CA PHE A 570 11.74 -11.81 -5.13
C PHE A 570 11.13 -11.37 -6.46
N LYS A 571 12.01 -11.19 -7.42
CA LYS A 571 11.65 -10.85 -8.77
C LYS A 571 11.17 -12.07 -9.50
N PHE A 572 11.67 -13.21 -9.05
CA PHE A 572 11.52 -14.49 -9.75
C PHE A 572 11.23 -15.60 -8.75
N PRO A 573 10.29 -16.51 -9.09
CA PRO A 573 9.48 -16.57 -10.30
C PRO A 573 8.53 -15.40 -10.45
N PHE A 574 7.81 -15.37 -11.56
CA PHE A 574 7.12 -14.13 -11.91
C PHE A 574 5.71 -14.36 -12.40
N LEU A 575 4.80 -13.47 -11.98
CA LEU A 575 3.40 -13.64 -12.35
C LEU A 575 2.90 -12.45 -13.11
N TRP A 576 2.15 -12.75 -14.17
CA TRP A 576 1.64 -11.75 -15.09
C TRP A 576 0.16 -12.03 -15.41
N ASN A 577 -0.70 -10.99 -15.36
CA ASN A 577 -2.09 -11.18 -15.78
C ASN A 577 -2.24 -10.63 -17.20
N ASN A 578 -2.88 -11.38 -18.07
CA ASN A 578 -3.05 -10.85 -19.40
C ASN A 578 -4.45 -10.33 -19.56
N LYS A 579 -4.65 -9.03 -19.43
CA LYS A 579 -6.01 -8.49 -19.27
C LYS A 579 -6.87 -8.57 -20.51
N THR A 580 -6.23 -8.71 -21.66
CA THR A 580 -6.93 -8.86 -22.93
C THR A 580 -7.38 -10.30 -23.23
N SER A 581 -6.49 -11.28 -23.04
CA SER A 581 -6.83 -12.67 -23.33
C SER A 581 -7.32 -13.37 -22.08
N ASN A 582 -7.31 -12.62 -20.99
CA ASN A 582 -7.74 -13.10 -19.67
C ASN A 582 -7.06 -14.39 -19.21
N LEU A 583 -5.76 -14.30 -18.87
CA LEU A 583 -5.01 -15.44 -18.37
C LEU A 583 -4.02 -15.08 -17.28
N HIS A 584 -3.42 -16.14 -16.73
CA HIS A 584 -2.36 -16.02 -15.76
C HIS A 584 -1.14 -16.63 -16.44
N TYR A 585 -0.03 -15.91 -16.44
CA TYR A 585 1.25 -16.47 -16.82
C TYR A 585 2.13 -16.55 -15.59
N LEU A 586 2.80 -17.68 -15.45
CA LEU A 586 3.85 -17.88 -14.48
C LEU A 586 5.14 -18.23 -15.22
N LEU A 587 6.20 -17.46 -14.96
CA LEU A 587 7.55 -17.70 -15.53
C LEU A 587 8.45 -18.24 -14.46
N PHE A 588 9.07 -19.39 -14.73
CA PHE A 588 9.97 -19.95 -13.70
C PHE A 588 11.07 -20.82 -14.31
N THR A 589 12.12 -21.06 -13.54
CA THR A 589 13.21 -21.85 -14.06
C THR A 589 13.30 -23.14 -13.28
N ILE A 590 13.64 -24.24 -13.97
CA ILE A 590 13.90 -25.51 -13.30
C ILE A 590 15.25 -26.06 -13.74
N LEU A 591 16.06 -26.60 -12.81
CA LEU A 591 17.42 -26.98 -13.21
C LEU A 591 17.61 -28.47 -13.54
N GLU A 592 18.21 -28.71 -14.70
CA GLU A 592 18.25 -30.03 -15.34
C GLU A 592 19.63 -30.63 -15.26
N ASP A 593 20.45 -30.07 -16.14
CA ASP A 593 21.82 -30.45 -16.38
C ASP A 593 22.75 -29.58 -15.58
N SER A 594 22.18 -28.95 -14.55
CA SER A 594 22.76 -27.88 -13.74
C SER A 594 22.81 -26.62 -14.57
N LEU A 595 21.86 -26.56 -15.51
CA LEU A 595 21.51 -25.33 -16.20
C LEU A 595 20.08 -25.01 -15.82
N TYR A 596 19.74 -23.73 -15.65
CA TYR A 596 18.34 -23.38 -15.37
C TYR A 596 17.59 -23.28 -16.68
N LYS A 597 16.60 -24.15 -16.90
CA LYS A 597 15.77 -24.14 -18.10
C LYS A 597 14.53 -23.29 -17.83
N MET A 598 14.20 -22.41 -18.76
CA MET A 598 13.07 -21.51 -18.58
C MET A 598 11.74 -22.14 -19.01
N CYS A 599 10.74 -22.06 -18.13
CA CYS A 599 9.38 -22.50 -18.43
C CYS A 599 8.35 -21.40 -18.30
N ILE A 600 7.34 -21.50 -19.16
CA ILE A 600 6.15 -20.69 -19.09
C ILE A 600 4.92 -21.55 -18.90
N LEU A 601 4.29 -21.28 -17.75
CA LEU A 601 3.03 -21.88 -17.38
C LEU A 601 1.91 -20.88 -17.57
N ARG A 602 0.75 -21.32 -18.04
CA ARG A 602 -0.37 -20.40 -18.15
C ARG A 602 -1.71 -21.08 -17.90
N ARG A 603 -2.60 -20.38 -17.19
CA ARG A 603 -3.94 -20.92 -16.90
C ARG A 603 -5.00 -19.88 -17.17
N HIS A 604 -6.22 -20.34 -17.43
CA HIS A 604 -7.27 -19.37 -17.67
C HIS A 604 -7.62 -18.73 -16.37
N THR A 605 -7.96 -17.45 -16.43
CA THR A 605 -8.28 -16.65 -15.25
C THR A 605 -9.45 -17.28 -14.48
N ASP A 606 -10.45 -17.75 -15.23
CA ASP A 606 -11.56 -18.53 -14.70
C ASP A 606 -11.04 -19.93 -14.40
N ILE A 607 -11.36 -20.44 -13.22
CA ILE A 607 -10.68 -21.61 -12.69
C ILE A 607 -11.19 -22.91 -13.29
N SER A 608 -12.46 -22.89 -13.68
CA SER A 608 -13.09 -24.09 -14.21
C SER A 608 -12.83 -24.29 -15.69
N GLN A 609 -12.00 -23.46 -16.31
CA GLN A 609 -11.74 -23.64 -17.73
C GLN A 609 -10.24 -23.71 -18.08
N SER A 610 -9.94 -24.56 -19.06
CA SER A 610 -8.57 -24.82 -19.47
C SER A 610 -8.11 -23.92 -20.61
N VAL A 611 -6.85 -24.07 -20.99
CA VAL A 611 -6.28 -23.28 -22.08
C VAL A 611 -5.12 -24.01 -22.80
N SER A 612 -4.95 -23.66 -24.08
CA SER A 612 -3.91 -24.23 -24.95
C SER A 612 -2.51 -24.11 -24.35
N ASN A 613 -1.71 -25.14 -24.52
CA ASN A 613 -0.31 -25.12 -24.11
C ASN A 613 -0.11 -24.59 -22.69
N GLY A 614 -0.57 -25.36 -21.70
CA GLY A 614 -0.46 -24.95 -20.32
C GLY A 614 0.99 -24.81 -19.94
N LEU A 615 1.81 -25.72 -20.43
CA LEU A 615 3.20 -25.73 -20.06
C LEU A 615 4.13 -25.80 -21.29
N ILE A 616 5.12 -24.91 -21.35
CA ILE A 616 6.14 -25.05 -22.38
C ILE A 616 7.44 -24.48 -21.89
N ALA A 617 8.54 -25.13 -22.26
CA ALA A 617 9.87 -24.68 -21.89
C ALA A 617 10.55 -24.01 -23.09
N ILE A 618 11.75 -23.49 -22.87
CA ILE A 618 12.49 -22.78 -23.90
C ILE A 618 13.97 -23.20 -23.89
N LYS A 619 14.48 -23.72 -25.01
CA LYS A 619 15.93 -23.74 -25.17
C LYS A 619 16.21 -22.68 -26.23
N PHE A 620 17.27 -21.91 -25.98
CA PHE A 620 17.67 -20.85 -26.88
C PHE A 620 18.74 -21.39 -27.83
N GLY A 621 18.39 -21.55 -29.09
CA GLY A 621 19.27 -22.19 -30.04
C GLY A 621 20.40 -21.39 -30.66
N SER A 622 20.05 -20.25 -31.22
CA SER A 622 21.01 -19.49 -31.97
C SER A 622 20.73 -18.01 -31.84
N PHE A 623 21.79 -17.24 -31.68
CA PHE A 623 21.67 -15.79 -31.71
C PHE A 623 22.54 -15.21 -32.82
N THR A 624 21.92 -14.35 -33.61
CA THR A 624 22.55 -13.81 -34.78
C THR A 624 21.87 -12.50 -35.12
N TYR A 625 22.46 -11.75 -36.04
CA TYR A 625 21.81 -10.59 -36.60
C TYR A 625 21.74 -10.82 -38.11
N ALA A 626 20.95 -9.98 -38.78
CA ALA A 626 20.71 -10.15 -40.20
C ALA A 626 21.88 -9.63 -41.04
N THR A 627 22.58 -8.62 -40.54
CA THR A 627 23.77 -8.08 -41.19
C THR A 627 25.09 -8.86 -40.92
N THR A 628 25.41 -9.20 -39.69
CA THR A 628 26.55 -10.11 -39.50
C THR A 628 26.08 -11.53 -39.50
N GLU A 629 26.69 -12.37 -40.32
CA GLU A 629 26.28 -13.76 -40.34
C GLU A 629 27.17 -14.71 -39.51
N LYS A 630 28.04 -14.12 -38.67
CA LYS A 630 28.41 -14.79 -37.42
C LYS A 630 27.12 -15.20 -36.64
N VAL A 631 27.03 -16.47 -36.26
CA VAL A 631 25.88 -16.92 -35.49
C VAL A 631 26.38 -17.39 -34.12
N ARG A 632 25.69 -17.00 -33.05
CA ARG A 632 26.09 -17.47 -31.74
C ARG A 632 25.26 -18.72 -31.41
N ARG A 633 25.89 -19.88 -31.38
CA ARG A 633 25.21 -21.09 -30.95
C ARG A 633 25.97 -21.71 -29.80
N SER A 634 25.37 -21.66 -28.62
CA SER A 634 26.08 -22.11 -27.45
C SER A 634 25.11 -22.72 -26.46
N ILE A 635 25.62 -22.95 -25.27
CA ILE A 635 24.80 -23.48 -24.20
C ILE A 635 24.48 -22.35 -23.20
N TYR A 636 23.19 -22.07 -23.04
CA TYR A 636 22.77 -20.95 -22.22
C TYR A 636 21.94 -21.41 -21.03
N SER A 637 22.18 -20.77 -19.89
CA SER A 637 21.37 -20.92 -18.68
C SER A 637 20.54 -19.64 -18.46
N CYS A 638 19.36 -19.75 -17.86
CA CYS A 638 18.47 -18.59 -17.68
C CYS A 638 18.56 -17.92 -16.30
N LEU A 639 19.17 -16.74 -16.28
CA LEU A 639 19.42 -15.98 -15.06
C LEU A 639 18.25 -15.10 -14.62
N ASP A 640 17.35 -14.76 -15.54
CA ASP A 640 16.14 -14.03 -15.17
C ASP A 640 15.10 -13.83 -16.31
N ALA A 641 13.85 -13.50 -15.96
CA ALA A 641 12.84 -13.14 -16.95
C ALA A 641 11.67 -12.29 -16.39
N GLN A 642 11.12 -11.41 -17.23
CA GLN A 642 10.00 -10.59 -16.81
C GLN A 642 9.16 -10.16 -17.99
N PHE A 643 7.84 -10.17 -17.84
CA PHE A 643 6.94 -9.79 -18.91
C PHE A 643 7.08 -8.32 -19.28
N TYR A 644 7.26 -8.08 -20.58
CA TYR A 644 7.43 -6.76 -21.15
C TYR A 644 6.07 -6.17 -21.47
N ASP A 645 5.37 -6.83 -22.39
CA ASP A 645 3.96 -6.54 -22.62
C ASP A 645 3.22 -7.86 -22.82
N ASP A 646 1.93 -7.76 -23.13
CA ASP A 646 1.04 -8.91 -23.28
C ASP A 646 1.66 -10.00 -24.14
N GLU A 647 2.27 -9.60 -25.26
CA GLU A 647 2.86 -10.54 -26.22
C GLU A 647 4.38 -10.75 -26.17
N THR A 648 5.12 -10.09 -25.30
CA THR A 648 6.57 -10.35 -25.20
C THR A 648 7.18 -10.43 -23.75
N VAL A 649 8.24 -11.24 -23.62
CA VAL A 649 8.92 -11.49 -22.34
C VAL A 649 10.42 -11.19 -22.43
N THR A 650 10.93 -10.31 -21.58
CA THR A 650 12.36 -10.01 -21.51
C THR A 650 13.07 -11.12 -20.76
N VAL A 651 14.26 -11.50 -21.22
CA VAL A 651 15.03 -12.60 -20.63
C VAL A 651 16.49 -12.23 -20.45
N VAL A 652 17.10 -12.75 -19.40
CA VAL A 652 18.55 -12.64 -19.24
C VAL A 652 19.20 -14.03 -19.14
N LEU A 653 20.15 -14.27 -20.06
CA LEU A 653 20.85 -15.54 -20.19
C LEU A 653 22.31 -15.46 -19.77
N LYS A 654 22.84 -16.57 -19.25
CA LYS A 654 24.28 -16.69 -19.08
C LYS A 654 24.83 -17.69 -20.06
N ASP A 655 25.68 -17.23 -20.96
CA ASP A 655 26.49 -18.16 -21.73
C ASP A 655 27.30 -18.94 -20.71
N THR A 656 27.23 -20.25 -20.75
CA THR A 656 27.98 -21.07 -19.82
C THR A 656 29.49 -20.90 -20.04
N VAL A 657 29.89 -20.73 -21.30
CA VAL A 657 31.30 -20.81 -21.72
C VAL A 657 32.13 -19.51 -21.94
N GLY A 658 31.56 -18.33 -21.67
CA GLY A 658 32.19 -17.04 -21.98
C GLY A 658 32.89 -16.19 -20.91
N ARG A 659 33.42 -16.79 -19.86
CA ARG A 659 33.44 -16.27 -18.47
C ARG A 659 33.72 -14.79 -18.11
N GLU A 660 34.63 -14.08 -18.76
CA GLU A 660 34.88 -12.72 -18.28
C GLU A 660 34.19 -11.64 -19.11
N GLY A 661 33.07 -11.14 -18.59
CA GLY A 661 32.43 -9.94 -19.07
C GLY A 661 31.71 -10.07 -20.40
N ARG A 662 32.08 -11.08 -21.17
CA ARG A 662 31.51 -11.33 -22.48
C ARG A 662 30.40 -12.40 -22.42
N ASP A 663 30.01 -12.80 -21.20
CA ASP A 663 29.18 -14.01 -21.01
C ASP A 663 27.66 -13.87 -20.80
N ARG A 664 27.10 -12.66 -20.77
CA ARG A 664 25.67 -12.59 -20.50
C ARG A 664 24.86 -11.81 -21.55
N LEU A 665 23.64 -12.29 -21.81
CA LEU A 665 22.82 -11.79 -22.93
C LEU A 665 21.46 -11.28 -22.52
N LEU A 666 21.03 -10.22 -23.20
CA LEU A 666 19.69 -9.71 -23.00
C LEU A 666 18.78 -10.00 -24.20
N VAL A 667 17.66 -10.69 -23.98
CA VAL A 667 16.88 -11.25 -25.08
C VAL A 667 15.37 -10.94 -25.03
N GLN A 668 14.82 -10.33 -26.07
CA GLN A 668 13.35 -10.27 -26.16
C GLN A 668 12.76 -11.53 -26.77
N LEU A 669 11.77 -12.09 -26.08
CA LEU A 669 11.13 -13.36 -26.45
C LEU A 669 9.66 -13.12 -26.85
N PRO A 670 9.34 -13.24 -28.16
CA PRO A 670 7.97 -13.07 -28.66
C PRO A 670 7.07 -14.28 -28.41
N LEU A 671 5.89 -14.07 -27.85
CA LEU A 671 5.09 -15.20 -27.48
C LEU A 671 4.48 -15.78 -28.74
N SER A 672 4.19 -14.89 -29.69
CA SER A 672 3.57 -15.30 -30.95
C SER A 672 4.31 -16.43 -31.67
N LEU A 673 5.59 -16.58 -31.38
CA LEU A 673 6.35 -17.74 -31.86
C LEU A 673 6.52 -18.89 -30.87
N VAL A 674 6.20 -18.68 -29.60
CA VAL A 674 6.25 -19.80 -28.64
C VAL A 674 4.97 -20.63 -28.78
N TYR A 675 3.89 -19.88 -28.89
CA TYR A 675 2.54 -20.38 -29.02
C TYR A 675 2.18 -20.46 -30.51
N ASN A 676 3.22 -20.41 -31.35
CA ASN A 676 3.11 -20.31 -32.80
C ASN A 676 2.12 -21.30 -33.37
N SER A 677 1.20 -20.77 -34.17
CA SER A 677 -0.03 -21.46 -34.52
C SER A 677 0.17 -22.80 -35.22
N GLU A 678 1.26 -22.96 -35.97
CA GLU A 678 1.44 -24.17 -36.75
C GLU A 678 1.87 -25.38 -35.92
N ASP A 679 3.11 -25.40 -35.43
CA ASP A 679 3.58 -26.59 -34.72
C ASP A 679 3.34 -26.53 -33.19
N SER A 680 2.54 -25.56 -32.71
CA SER A 680 2.11 -25.53 -31.30
C SER A 680 1.50 -26.85 -30.88
N ALA A 681 0.91 -27.53 -31.85
CA ALA A 681 0.30 -28.81 -31.58
C ALA A 681 1.28 -29.93 -31.19
N GLU A 682 2.54 -29.82 -31.60
CA GLU A 682 3.52 -30.88 -31.29
C GLU A 682 4.39 -30.52 -30.08
N TYR A 683 4.11 -29.39 -29.48
CA TYR A 683 4.68 -29.13 -28.17
C TYR A 683 3.55 -29.22 -27.15
N GLN A 684 3.59 -30.30 -26.38
CA GLN A 684 2.52 -30.61 -25.46
C GLN A 684 3.09 -31.34 -24.25
N PHE A 685 2.57 -31.04 -23.05
CA PHE A 685 3.03 -31.68 -21.81
C PHE A 685 2.61 -33.16 -21.79
N THR A 686 3.57 -34.08 -21.62
CA THR A 686 3.35 -35.54 -21.66
C THR A 686 3.06 -36.14 -20.25
N GLY A 687 3.22 -35.30 -19.23
CA GLY A 687 3.10 -35.69 -17.82
C GLY A 687 1.78 -35.36 -17.13
N THR A 688 1.89 -35.00 -15.85
CA THR A 688 0.75 -34.77 -14.96
C THR A 688 1.01 -33.60 -14.05
N TYR A 689 0.01 -32.78 -13.79
CA TYR A 689 0.15 -31.71 -12.80
C TYR A 689 -0.07 -32.25 -11.39
N SER A 690 -0.43 -33.53 -11.30
CA SER A 690 -0.73 -34.15 -10.01
C SER A 690 0.53 -34.43 -9.23
N THR A 691 1.68 -34.42 -9.90
CA THR A 691 2.96 -34.48 -9.18
C THR A 691 3.73 -33.25 -9.59
N ARG A 692 4.94 -33.08 -9.06
CA ARG A 692 5.74 -31.89 -9.34
C ARG A 692 6.14 -31.86 -10.81
N LEU A 693 6.41 -30.66 -11.30
CA LEU A 693 6.81 -30.48 -12.69
C LEU A 693 8.28 -30.81 -12.88
N ASP A 694 9.09 -30.56 -11.86
CA ASP A 694 10.52 -30.71 -12.03
C ASP A 694 10.87 -32.19 -12.01
N GLU A 695 10.01 -33.00 -11.40
CA GLU A 695 10.30 -34.42 -11.29
C GLU A 695 10.07 -35.15 -12.60
N GLN A 696 9.31 -34.55 -13.51
CA GLN A 696 9.25 -35.08 -14.87
C GLN A 696 9.76 -34.08 -15.91
N CYS A 697 11.01 -34.21 -16.32
CA CYS A 697 11.55 -33.27 -17.31
C CYS A 697 11.29 -33.69 -18.75
N SER A 698 11.47 -34.98 -19.02
CA SER A 698 11.28 -35.50 -20.38
C SER A 698 9.83 -35.38 -20.85
N ALA A 699 8.94 -35.06 -19.91
CA ALA A 699 7.54 -34.86 -20.21
C ALA A 699 7.27 -33.46 -20.77
N ILE A 700 8.07 -32.48 -20.34
CA ILE A 700 7.83 -31.08 -20.68
C ILE A 700 8.36 -30.71 -22.05
N PRO A 701 7.46 -30.23 -22.93
CA PRO A 701 7.82 -29.90 -24.30
C PRO A 701 8.77 -28.73 -24.34
N THR A 702 9.87 -28.86 -25.07
CA THR A 702 10.78 -27.72 -25.22
C THR A 702 10.81 -27.21 -26.66
N ARG A 703 10.71 -25.89 -26.80
CA ARG A 703 10.75 -25.29 -28.10
C ARG A 703 12.11 -24.65 -28.28
N THR A 704 12.84 -25.16 -29.26
CA THR A 704 14.13 -24.60 -29.61
C THR A 704 13.92 -23.39 -30.47
N MET A 705 14.40 -22.25 -30.03
CA MET A 705 14.04 -21.07 -30.77
C MET A 705 15.27 -20.31 -31.19
N HIS A 706 15.28 -19.91 -32.46
CA HIS A 706 16.44 -19.32 -33.07
C HIS A 706 16.22 -17.83 -33.29
N PHE A 707 17.02 -17.01 -32.61
CA PHE A 707 16.84 -15.57 -32.59
C PHE A 707 17.73 -14.90 -33.58
N GLU A 708 17.15 -14.26 -34.58
CA GLU A 708 17.92 -13.27 -35.29
C GLU A 708 17.66 -11.82 -34.95
N LYS A 709 16.59 -11.45 -34.25
CA LYS A 709 16.38 -10.03 -33.91
C LYS A 709 16.19 -9.81 -32.43
N HIS A 710 16.30 -8.53 -32.05
CA HIS A 710 15.92 -8.06 -30.70
C HIS A 710 16.60 -8.80 -29.55
N TRP A 711 17.89 -8.54 -29.42
CA TRP A 711 18.74 -9.17 -28.41
C TRP A 711 20.12 -8.55 -28.49
N ARG A 712 20.89 -8.68 -27.43
CA ARG A 712 22.15 -7.96 -27.36
C ARG A 712 23.07 -8.75 -26.47
N LEU A 713 24.35 -8.75 -26.80
CA LEU A 713 25.32 -9.26 -25.84
C LEU A 713 25.53 -8.09 -24.91
N LEU A 714 25.69 -8.34 -23.63
CA LEU A 714 25.90 -7.22 -22.72
C LEU A 714 27.40 -6.99 -22.48
N GLU A 715 27.84 -5.75 -22.67
CA GLU A 715 29.27 -5.50 -22.82
C GLU A 715 29.94 -5.31 -21.46
N SER A 716 30.73 -6.30 -21.06
CA SER A 716 31.46 -6.30 -19.77
C SER A 716 30.54 -5.84 -18.64
N MET A 717 29.30 -6.34 -18.73
CA MET A 717 28.19 -5.89 -17.90
C MET A 717 28.04 -6.56 -16.54
N LYS A 718 28.17 -7.89 -16.50
CA LYS A 718 28.04 -8.71 -15.26
C LYS A 718 26.60 -9.05 -14.89
N ALA A 719 25.67 -8.62 -15.75
CA ALA A 719 24.22 -8.61 -15.51
C ALA A 719 23.61 -9.85 -14.93
N GLN A 720 22.64 -9.61 -14.04
CA GLN A 720 21.84 -10.67 -13.42
C GLN A 720 20.33 -10.49 -13.68
N TYR A 721 19.75 -9.35 -13.29
CA TYR A 721 18.28 -9.19 -13.32
C TYR A 721 17.68 -8.10 -14.29
N VAL A 722 16.41 -8.27 -14.69
CA VAL A 722 15.75 -7.34 -15.65
C VAL A 722 14.48 -6.61 -15.18
N ALA A 723 14.37 -5.32 -15.48
CA ALA A 723 13.16 -4.54 -15.25
C ALA A 723 12.51 -4.09 -16.55
N GLY A 724 11.40 -4.71 -16.92
CA GLY A 724 10.74 -4.36 -18.17
C GLY A 724 9.79 -3.20 -18.00
N ASN A 725 9.69 -2.36 -19.03
CA ASN A 725 8.60 -1.40 -19.17
C ASN A 725 8.08 -1.48 -20.60
N GLY A 726 6.85 -1.94 -20.80
CA GLY A 726 6.37 -2.15 -22.16
C GLY A 726 5.59 -0.98 -22.74
N PHE A 727 5.30 -0.01 -21.88
CA PHE A 727 4.36 1.05 -22.23
C PHE A 727 5.09 2.26 -22.74
N ARG A 728 5.79 2.94 -21.82
CA ARG A 728 6.99 3.68 -22.16
C ARG A 728 7.91 2.53 -22.57
N LYS A 729 8.59 2.59 -23.70
CA LYS A 729 9.13 1.34 -24.25
C LYS A 729 10.55 0.97 -23.74
N VAL A 730 11.01 1.69 -22.73
CA VAL A 730 12.30 1.47 -22.08
C VAL A 730 12.45 0.14 -21.28
N SER A 731 13.63 -0.14 -20.71
CA SER A 731 13.89 -1.19 -19.72
C SER A 731 15.21 -1.01 -18.99
N CYS A 732 15.47 -1.88 -18.04
CA CYS A 732 16.63 -1.63 -17.18
C CYS A 732 17.28 -2.90 -16.66
N VAL A 733 18.61 -2.93 -16.61
CA VAL A 733 19.27 -4.15 -16.20
C VAL A 733 20.18 -3.92 -14.99
N LEU A 734 20.00 -4.77 -13.99
CA LEU A 734 20.75 -4.67 -12.75
C LEU A 734 21.69 -5.85 -12.72
N SER A 735 22.78 -5.67 -11.99
CA SER A 735 23.96 -6.50 -12.10
C SER A 735 24.04 -7.49 -11.01
N SER A 736 25.12 -8.24 -10.99
CA SER A 736 25.27 -9.22 -9.96
C SER A 736 25.49 -8.58 -8.61
N ASN A 737 26.09 -7.40 -8.59
CA ASN A 737 26.47 -6.81 -7.31
C ASN A 737 25.44 -5.86 -6.76
N LEU A 738 24.31 -5.73 -7.47
CA LEU A 738 23.15 -4.97 -7.04
C LEU A 738 23.40 -3.45 -6.98
N ARG A 739 24.61 -3.01 -7.27
CA ARG A 739 24.92 -1.58 -7.32
C ARG A 739 25.01 -0.91 -8.72
N HIS A 740 24.86 -1.68 -9.79
CA HIS A 740 25.30 -1.27 -11.11
C HIS A 740 24.13 -1.43 -12.08
N VAL A 741 23.63 -0.33 -12.64
CA VAL A 741 22.50 -0.41 -13.57
C VAL A 741 22.81 0.05 -15.00
N ARG A 742 22.07 -0.50 -15.95
CA ARG A 742 22.20 -0.08 -17.34
C ARG A 742 20.81 0.05 -17.97
N VAL A 743 20.47 1.26 -18.42
CA VAL A 743 19.09 1.53 -18.86
C VAL A 743 18.97 1.69 -20.37
N PHE A 744 18.12 0.88 -21.01
CA PHE A 744 18.00 0.90 -22.47
C PHE A 744 16.67 1.44 -22.98
N GLU A 745 16.71 2.29 -24.01
CA GLU A 745 15.54 2.40 -24.87
C GLU A 745 15.52 1.19 -25.81
N MET A 746 14.41 0.45 -25.72
CA MET A 746 14.23 -0.88 -26.28
C MET A 746 13.53 -0.86 -27.62
N ASP A 747 13.16 0.32 -28.07
CA ASP A 747 12.52 0.44 -29.37
C ASP A 747 13.53 0.79 -30.49
N ILE A 748 14.79 0.93 -30.13
CA ILE A 748 15.82 1.52 -30.98
C ILE A 748 17.12 0.69 -31.03
N ASP A 749 17.77 0.61 -32.20
CA ASP A 749 19.14 0.05 -32.30
C ASP A 749 20.20 0.99 -31.72
N ASP A 750 21.34 0.42 -31.31
CA ASP A 750 22.41 1.23 -30.72
C ASP A 750 23.07 2.07 -31.82
N GLU A 751 23.60 3.22 -31.45
CA GLU A 751 24.32 4.04 -32.41
C GLU A 751 25.72 3.43 -32.60
N TRP A 752 26.11 2.59 -31.64
CA TRP A 752 27.43 1.99 -31.59
C TRP A 752 27.58 0.72 -32.40
N GLU A 753 28.48 0.72 -33.38
CA GLU A 753 28.71 -0.49 -34.17
C GLU A 753 29.32 -1.55 -33.25
N LEU A 754 29.22 -2.82 -33.66
CA LEU A 754 29.65 -4.01 -32.91
C LEU A 754 31.01 -4.63 -33.35
N ASP A 755 31.76 -5.19 -32.39
CA ASP A 755 32.97 -5.98 -32.68
C ASP A 755 32.77 -7.47 -32.32
N GLU A 756 33.40 -8.39 -33.06
CA GLU A 756 33.40 -9.83 -32.71
C GLU A 756 34.64 -10.51 -33.28
N SER A 757 35.17 -11.54 -32.61
CA SER A 757 36.50 -12.05 -32.95
C SER A 757 36.51 -13.17 -34.00
#